data_9CBP
#
_entry.id   9CBP
#
_cell.length_a   69.949
_cell.length_b   83.820
_cell.length_c   163.715
_cell.angle_alpha   90.00
_cell.angle_beta   90.00
_cell.angle_gamma   90.00
#
_symmetry.space_group_name_H-M   'P 21 21 21'
#
loop_
_entity.id
_entity.type
_entity.pdbx_description
1 polymer 'Methionine synthase'
2 non-polymer GLYCEROL
3 non-polymer '2-AMINO-4-MERCAPTO-BUTYRIC ACID'
4 non-polymer 'ZINC ION'
5 non-polymer COBALAMIN
6 non-polymer PROPANE
7 non-polymer 'POTASSIUM ION'
8 water water
#
_entity_poly.entity_id   1
_entity_poly.type   'polypeptide(L)'
_entity_poly.pdbx_seq_one_letter_code
;MVEVHACSPGCRHHLGGAGWGDAPLVRLGYNKEARAKKFPYLKALLERPLVFDGAMGTELQKRDLTPEDYGGEAYFGCPE
VLNRTRPEVVREIHLAYLEAGAEVIETNTAGALRHVLAEYGLAAAAEELAFLGARIAREAADPHGAFVAGALGPGTKLVS
LGQISWDALYRAYKEAARGLLKGGVDLILLETAQDILQVRCAVLAVREAMAEVGREVPLQVQVTFEATGTMLVGTDEQAA
LAALESLPVDVVGMNCATGPDLMDSKVRYFAEHSTRFVSCLPNAGLPRNEGGRVVADLTPEELAKWHLKFVAEYGVNAVG
GCCGTGPEHIRKVAEAVKGLAPKPRPESFPPQVASLYQAVSLKQEASLFLVGERLNATGSKRFREMLFARDLEGILALAR
EQVEEGAHALDLSVAWTGRDELEDLRWLLPHLATALTVPVMVDSTSPEAMELALKYLPGRVLLNSANLEDGLERFDRVAS
LAKAHGAALVVLAIDEKGMAKTREEKVRVALRMYERLTEHHGLRPEDLLFDLLTFPITQGDEESRPLAKETLLAMEELRE
RLPGVGFVLGVSNVSFGLKPRARRVLNSVFLDEARKRGLTAAIVDAGKILPISQIPEEAYALALDLIYDRRKEGFDPLLA
FMAYFEAHKEAAAKREDAFLALPLLERLKRRVVEGRKQGLEADLEEALKAGHKPLDLINGPLLAGMKEVGDLFGAGKMQL
PFVLQAAEVMKRAVAYLEPHMEKKGEGKGTLVLATVKGDVHDIGKNLVDIILSNNGYRVVNLGIKVPIEEILKAVEAHKP
HAVGMSGLLVKSTLVMKENLEYMRDRGYTLPVILGGAALTRSYVEELRAIYPNVYYAEDAFEGLRLMEELTGHA
;
_entity_poly.pdbx_strand_id   A
#
loop_
_chem_comp.id
_chem_comp.type
_chem_comp.name
_chem_comp.formula
B12 non-polymer COBALAMIN 'C62 H89 Co N13 O14 P 2'
GOL non-polymer GLYCEROL 'C3 H8 O3'
K non-polymer 'POTASSIUM ION' 'K 1'
TME non-polymer PROPANE 'C3 H8'
ZN non-polymer 'ZINC ION' 'Zn 2'
#
# COMPACT_ATOMS: atom_id res chain seq x y z
N MET A 1 35.33 -13.10 -0.68
CA MET A 1 33.89 -13.02 -1.04
C MET A 1 33.62 -13.90 -2.28
N VAL A 2 32.77 -14.94 -2.13
CA VAL A 2 32.28 -15.66 -3.30
C VAL A 2 31.55 -14.67 -4.22
N GLU A 3 30.65 -13.82 -3.65
CA GLU A 3 29.57 -13.16 -4.37
C GLU A 3 30.08 -12.06 -5.33
N VAL A 4 31.10 -11.26 -4.93
CA VAL A 4 31.76 -10.23 -5.79
C VAL A 4 32.13 -10.79 -7.17
N HIS A 5 32.58 -12.06 -7.24
CA HIS A 5 32.98 -12.71 -8.49
C HIS A 5 31.82 -13.43 -9.20
N ALA A 6 30.61 -13.53 -8.59
CA ALA A 6 29.53 -14.34 -9.13
C ALA A 6 28.49 -13.52 -9.90
N CYS A 7 28.82 -12.31 -10.36
CA CYS A 7 27.94 -11.58 -11.27
C CYS A 7 27.86 -12.17 -12.68
N SER A 8 26.69 -12.04 -13.33
CA SER A 8 26.54 -12.20 -14.77
C SER A 8 26.58 -10.83 -15.43
N PRO A 9 26.72 -10.71 -16.78
CA PRO A 9 26.53 -9.42 -17.46
C PRO A 9 25.12 -8.81 -17.34
N GLY A 10 24.14 -9.52 -16.72
CA GLY A 10 22.79 -9.00 -16.51
C GLY A 10 22.63 -8.12 -15.25
N CYS A 11 23.46 -8.33 -14.21
CA CYS A 11 23.53 -7.57 -12.99
C CYS A 11 23.78 -6.09 -13.23
N ARG A 12 22.87 -5.38 -12.61
CA ARG A 12 22.99 -3.94 -12.40
C ARG A 12 22.76 -3.67 -10.91
N HIS A 13 23.85 -3.55 -10.23
CA HIS A 13 23.81 -3.33 -8.79
C HIS A 13 24.10 -1.88 -8.38
N HIS A 14 24.34 -0.89 -9.26
CA HIS A 14 24.70 0.45 -8.75
C HIS A 14 23.56 1.11 -7.99
N LEU A 15 22.30 0.88 -8.38
CA LEU A 15 21.18 1.65 -7.87
C LEU A 15 20.64 0.98 -6.60
N GLY A 16 20.28 -0.31 -6.72
CA GLY A 16 19.68 -1.05 -5.62
C GLY A 16 20.72 -1.64 -4.66
N GLY A 17 22.00 -1.65 -5.09
CA GLY A 17 23.01 -2.43 -4.36
C GLY A 17 22.81 -3.93 -4.56
N ALA A 18 23.85 -4.67 -4.15
CA ALA A 18 23.79 -6.10 -4.24
C ALA A 18 23.41 -6.69 -2.86
N GLY A 19 23.73 -7.98 -2.62
CA GLY A 19 23.38 -8.64 -1.38
C GLY A 19 24.45 -8.59 -0.29
N TRP A 20 25.59 -7.97 -0.55
CA TRP A 20 26.73 -7.90 0.38
C TRP A 20 27.17 -6.45 0.64
N GLY A 21 28.18 -6.33 1.49
CA GLY A 21 28.79 -5.07 1.79
C GLY A 21 27.77 -4.09 2.38
N ASP A 22 27.79 -2.87 1.84
CA ASP A 22 27.14 -1.69 2.39
C ASP A 22 25.81 -1.42 1.67
N ALA A 23 25.25 -2.37 0.89
CA ALA A 23 24.05 -2.06 0.12
C ALA A 23 22.92 -1.67 1.07
N PRO A 24 22.06 -0.64 0.77
CA PRO A 24 20.98 -0.21 1.71
C PRO A 24 20.05 -1.32 2.16
N LEU A 25 19.61 -2.18 1.22
CA LEU A 25 18.88 -3.40 1.58
C LEU A 25 19.66 -4.67 1.25
N VAL A 26 19.62 -5.65 2.20
CA VAL A 26 20.16 -7.00 2.04
C VAL A 26 19.08 -8.02 2.46
N ARG A 27 19.37 -9.30 2.30
CA ARG A 27 18.47 -10.38 2.72
C ARG A 27 17.83 -10.11 4.06
N LEU A 28 18.63 -9.63 5.02
CA LEU A 28 18.17 -9.54 6.41
C LEU A 28 17.39 -8.24 6.64
N GLY A 29 17.20 -7.37 5.65
CA GLY A 29 16.57 -6.08 5.91
C GLY A 29 17.44 -4.85 5.58
N TYR A 30 17.10 -3.72 6.22
CA TYR A 30 17.81 -2.46 6.16
C TYR A 30 19.18 -2.66 6.81
N ASN A 31 20.26 -2.34 6.08
CA ASN A 31 21.63 -2.68 6.45
C ASN A 31 22.24 -1.56 7.29
N LYS A 32 21.60 -1.37 8.45
CA LYS A 32 21.76 -0.22 9.37
C LYS A 32 23.16 -0.16 9.99
N GLU A 33 23.60 -1.22 10.69
CA GLU A 33 24.90 -1.25 11.36
C GLU A 33 26.06 -1.06 10.35
N ALA A 34 26.04 -1.80 9.24
CA ALA A 34 27.10 -1.63 8.26
C ALA A 34 27.12 -0.18 7.77
N ARG A 35 25.96 0.45 7.50
CA ARG A 35 25.92 1.77 6.90
C ARG A 35 26.20 2.84 7.96
N ALA A 36 25.92 2.52 9.23
CA ALA A 36 26.27 3.38 10.36
C ALA A 36 27.78 3.40 10.57
N LYS A 37 28.42 2.25 10.35
CA LYS A 37 29.88 2.16 10.46
C LYS A 37 30.52 2.94 9.33
N LYS A 38 29.96 2.90 8.11
CA LYS A 38 30.56 3.63 6.99
C LYS A 38 30.21 5.13 7.03
N PHE A 39 29.06 5.57 7.55
CA PHE A 39 28.63 6.95 7.31
C PHE A 39 28.39 7.68 8.64
N PRO A 40 29.16 8.78 8.95
CA PRO A 40 29.02 9.48 10.23
C PRO A 40 27.62 10.01 10.56
N TYR A 41 26.88 10.43 9.51
CA TYR A 41 25.49 10.89 9.68
C TYR A 41 24.57 9.82 10.29
N LEU A 42 24.66 8.57 9.81
CA LEU A 42 23.85 7.48 10.35
C LEU A 42 24.32 7.05 11.75
N LYS A 43 25.63 7.00 11.98
CA LYS A 43 26.15 6.80 13.31
C LYS A 43 25.52 7.81 14.28
N ALA A 44 25.46 9.08 13.88
CA ALA A 44 24.95 10.12 14.75
C ALA A 44 23.47 9.88 15.05
N LEU A 45 22.71 9.45 14.02
CA LEU A 45 21.28 9.19 14.17
C LEU A 45 21.05 8.04 15.16
N LEU A 46 21.93 7.04 15.14
CA LEU A 46 21.85 5.94 16.12
C LEU A 46 22.00 6.48 17.54
N GLU A 47 22.89 7.46 17.73
CA GLU A 47 23.38 7.86 19.04
C GLU A 47 22.52 8.95 19.68
N ARG A 48 22.04 9.94 18.90
CA ARG A 48 21.29 11.05 19.48
C ARG A 48 20.26 11.63 18.51
N PRO A 49 19.26 12.41 18.95
CA PRO A 49 18.45 13.15 17.99
C PRO A 49 19.21 14.27 17.26
N LEU A 50 19.06 14.37 15.95
CA LEU A 50 19.76 15.39 15.17
C LEU A 50 18.76 16.50 14.88
N VAL A 51 19.16 17.73 15.24
CA VAL A 51 18.36 18.93 15.02
C VAL A 51 18.69 19.43 13.63
N PHE A 52 17.66 19.57 12.78
CA PHE A 52 17.85 20.16 11.47
C PHE A 52 17.71 21.68 11.61
N ASP A 53 18.12 22.34 10.54
CA ASP A 53 17.83 23.74 10.40
C ASP A 53 16.32 23.95 10.19
N GLY A 54 15.98 25.22 9.92
CA GLY A 54 14.61 25.68 9.72
C GLY A 54 14.47 26.10 8.27
N ALA A 55 13.60 27.07 7.96
CA ALA A 55 13.42 27.44 6.56
C ALA A 55 14.61 28.27 6.05
N MET A 56 14.96 28.10 4.78
CA MET A 56 15.86 28.93 4.00
C MET A 56 15.03 30.01 3.29
N GLY A 57 14.03 29.60 2.48
CA GLY A 57 13.24 30.47 1.61
C GLY A 57 12.61 31.61 2.41
N THR A 58 11.91 31.30 3.55
CA THR A 58 11.20 32.32 4.31
C THR A 58 12.17 33.23 5.07
N GLU A 59 13.41 32.75 5.31
CA GLU A 59 14.51 33.56 5.79
C GLU A 59 15.04 34.55 4.72
N LEU A 60 15.23 34.07 3.48
CA LEU A 60 15.63 34.90 2.34
C LEU A 60 14.60 36.02 2.07
N GLN A 61 13.30 35.72 2.19
CA GLN A 61 12.23 36.66 1.90
C GLN A 61 12.24 37.81 2.92
N LYS A 62 12.77 37.60 4.13
CA LYS A 62 12.87 38.64 5.17
C LYS A 62 14.02 39.62 4.88
N ARG A 63 14.97 39.27 3.99
CA ARG A 63 16.01 40.20 3.56
C ARG A 63 15.44 41.00 2.39
N ASP A 64 15.79 42.26 2.29
CA ASP A 64 15.03 43.13 1.39
C ASP A 64 15.73 43.04 0.07
N LEU A 65 15.69 41.90 -0.61
CA LEU A 65 16.63 41.63 -1.68
C LEU A 65 16.14 42.23 -3.00
N THR A 66 17.05 42.89 -3.73
CA THR A 66 16.68 43.65 -4.93
C THR A 66 16.97 42.78 -6.14
N PRO A 67 16.43 43.10 -7.33
CA PRO A 67 16.86 42.42 -8.56
C PRO A 67 18.35 42.31 -8.80
N GLU A 68 19.14 43.30 -8.34
CA GLU A 68 20.59 43.32 -8.53
C GLU A 68 21.22 42.16 -7.72
N ASP A 69 20.68 41.90 -6.53
CA ASP A 69 21.10 40.80 -5.67
C ASP A 69 20.99 39.43 -6.36
N TYR A 70 20.04 39.27 -7.29
CA TYR A 70 19.77 38.01 -7.96
C TYR A 70 20.46 37.96 -9.30
N GLY A 71 21.22 39.02 -9.69
CA GLY A 71 21.93 39.08 -10.97
C GLY A 71 21.09 39.74 -12.09
N GLY A 72 20.02 40.44 -11.76
CA GLY A 72 19.15 40.99 -12.79
C GLY A 72 17.69 40.60 -12.57
N GLU A 73 16.81 41.24 -13.34
CA GLU A 73 15.36 41.11 -13.25
C GLU A 73 14.95 39.67 -13.59
N ALA A 74 15.58 39.08 -14.61
CA ALA A 74 15.27 37.73 -15.05
C ALA A 74 15.31 36.69 -13.90
N TYR A 75 16.21 36.87 -12.96
CA TYR A 75 16.46 35.86 -11.96
C TYR A 75 15.83 36.23 -10.63
N PHE A 76 14.94 37.22 -10.61
CA PHE A 76 14.52 37.82 -9.33
C PHE A 76 13.58 36.84 -8.65
N GLY A 77 13.86 36.52 -7.39
CA GLY A 77 13.06 35.59 -6.64
C GLY A 77 13.48 34.11 -6.78
N CYS A 78 14.39 33.77 -7.71
CA CYS A 78 14.97 32.44 -7.74
C CYS A 78 15.92 32.25 -6.55
N PRO A 79 15.58 31.52 -5.45
CA PRO A 79 16.52 31.37 -4.33
C PRO A 79 17.92 30.84 -4.68
N GLU A 80 18.04 29.92 -5.64
CA GLU A 80 19.23 29.12 -5.84
C GLU A 80 20.32 29.95 -6.57
N VAL A 81 19.93 30.97 -7.34
CA VAL A 81 20.85 31.81 -8.06
C VAL A 81 21.63 32.71 -7.09
N LEU A 82 21.08 32.97 -5.90
CA LEU A 82 21.82 33.58 -4.80
C LEU A 82 23.08 32.81 -4.42
N ASN A 83 23.17 31.50 -4.76
CA ASN A 83 24.41 30.78 -4.48
C ASN A 83 25.57 31.35 -5.34
N ARG A 84 25.28 31.96 -6.51
CA ARG A 84 26.25 32.63 -7.36
C ARG A 84 26.28 34.15 -7.06
N THR A 85 25.15 34.81 -6.75
CA THR A 85 25.08 36.27 -6.80
C THR A 85 25.07 36.92 -5.41
N ARG A 86 24.64 36.21 -4.35
CA ARG A 86 24.75 36.69 -2.98
C ARG A 86 25.13 35.56 -2.02
N PRO A 87 26.25 34.84 -2.21
CA PRO A 87 26.57 33.71 -1.37
C PRO A 87 26.55 34.01 0.13
N GLU A 88 27.02 35.21 0.52
CA GLU A 88 27.25 35.57 1.91
C GLU A 88 25.91 35.64 2.66
N VAL A 89 24.82 35.93 1.93
CA VAL A 89 23.45 35.97 2.46
C VAL A 89 22.91 34.58 2.76
N VAL A 90 23.16 33.60 1.86
CA VAL A 90 22.79 32.21 2.09
C VAL A 90 23.60 31.67 3.30
N ARG A 91 24.91 31.99 3.34
CA ARG A 91 25.79 31.52 4.39
C ARG A 91 25.35 32.07 5.76
N GLU A 92 24.98 33.34 5.80
CA GLU A 92 24.64 33.99 7.06
C GLU A 92 23.44 33.28 7.70
N ILE A 93 22.48 32.87 6.87
CA ILE A 93 21.32 32.13 7.32
C ILE A 93 21.74 30.76 7.87
N HIS A 94 22.66 30.06 7.16
CA HIS A 94 23.21 28.81 7.72
C HIS A 94 23.81 29.09 9.10
N LEU A 95 24.57 30.18 9.21
CA LEU A 95 25.31 30.54 10.42
C LEU A 95 24.36 30.80 11.59
N ALA A 96 23.24 31.50 11.31
CA ALA A 96 22.18 31.69 12.28
C ALA A 96 21.57 30.35 12.76
N TYR A 97 21.45 29.35 11.87
CA TYR A 97 20.82 28.09 12.25
C TYR A 97 21.78 27.24 13.08
N LEU A 98 23.07 27.24 12.71
CA LEU A 98 24.12 26.55 13.49
C LEU A 98 24.30 27.19 14.87
N GLU A 99 24.29 28.52 14.94
CA GLU A 99 24.42 29.21 16.21
C GLU A 99 23.19 28.94 17.07
N ALA A 100 22.02 28.73 16.47
CA ALA A 100 20.84 28.33 17.22
C ALA A 100 20.91 26.88 17.72
N GLY A 101 21.79 26.02 17.20
CA GLY A 101 21.91 24.67 17.73
C GLY A 101 21.66 23.55 16.71
N ALA A 102 21.49 23.88 15.42
CA ALA A 102 21.30 22.88 14.36
C ALA A 102 22.59 22.11 14.11
N GLU A 103 22.51 20.79 14.06
CA GLU A 103 23.69 19.98 13.75
C GLU A 103 23.60 19.55 12.29
N VAL A 104 22.49 19.91 11.59
CA VAL A 104 22.35 19.57 10.19
C VAL A 104 21.75 20.78 9.50
N ILE A 105 22.45 21.28 8.47
CA ILE A 105 21.90 22.32 7.61
C ILE A 105 21.63 21.73 6.21
N GLU A 106 20.65 22.34 5.54
CA GLU A 106 20.25 22.03 4.18
C GLU A 106 20.73 23.11 3.21
N THR A 107 21.22 22.67 2.06
CA THR A 107 21.76 23.51 1.01
C THR A 107 20.60 24.30 0.39
N ASN A 108 20.85 25.55 -0.03
CA ASN A 108 19.84 26.34 -0.74
C ASN A 108 19.70 25.81 -2.21
N THR A 109 19.16 24.60 -2.39
CA THR A 109 19.19 23.91 -3.69
C THR A 109 17.87 23.18 -4.01
N ALA A 110 16.77 23.42 -3.26
CA ALA A 110 15.54 22.68 -3.43
C ALA A 110 15.01 22.78 -4.85
N GLY A 111 15.19 23.95 -5.47
CA GLY A 111 14.71 24.19 -6.82
C GLY A 111 15.85 24.30 -7.81
N ALA A 112 16.99 23.67 -7.52
CA ALA A 112 18.10 23.56 -8.46
C ALA A 112 17.92 22.33 -9.37
N LEU A 113 16.88 22.41 -10.20
CA LEU A 113 16.51 21.38 -11.16
C LEU A 113 16.32 22.07 -12.51
N ARG A 114 16.73 21.42 -13.60
CA ARG A 114 16.68 21.92 -14.97
C ARG A 114 15.36 22.63 -15.30
N HIS A 115 14.21 21.93 -15.16
CA HIS A 115 12.90 22.40 -15.61
C HIS A 115 12.33 23.51 -14.71
N VAL A 116 12.71 23.56 -13.43
CA VAL A 116 12.31 24.59 -12.48
C VAL A 116 13.09 25.87 -12.85
N LEU A 117 14.43 25.76 -12.98
CA LEU A 117 15.33 26.87 -13.30
C LEU A 117 15.09 27.49 -14.69
N ALA A 118 14.50 26.73 -15.62
CA ALA A 118 14.13 27.18 -16.95
C ALA A 118 13.17 28.38 -16.90
N GLU A 119 12.36 28.47 -15.83
CA GLU A 119 11.45 29.58 -15.60
C GLU A 119 12.22 30.90 -15.67
N TYR A 120 13.43 30.91 -15.13
CA TYR A 120 14.29 32.08 -15.05
C TYR A 120 15.38 32.13 -16.12
N GLY A 121 15.36 31.28 -17.14
CA GLY A 121 16.42 31.16 -18.12
C GLY A 121 17.69 30.56 -17.52
N LEU A 122 17.59 29.73 -16.48
CA LEU A 122 18.78 29.16 -15.86
C LEU A 122 18.87 27.63 -15.96
N ALA A 123 18.28 26.99 -16.99
CA ALA A 123 18.05 25.54 -16.98
C ALA A 123 19.36 24.76 -16.95
N ALA A 124 20.36 25.27 -17.68
CA ALA A 124 21.68 24.68 -17.78
C ALA A 124 22.54 24.91 -16.55
N ALA A 125 22.06 25.58 -15.51
CA ALA A 125 22.89 25.95 -14.35
C ALA A 125 22.62 25.08 -13.11
N ALA A 126 21.80 24.03 -13.23
CA ALA A 126 21.38 23.23 -12.09
C ALA A 126 22.57 22.63 -11.37
N GLU A 127 23.49 21.97 -12.09
CA GLU A 127 24.63 21.35 -11.42
C GLU A 127 25.54 22.36 -10.73
N GLU A 128 25.75 23.51 -11.39
CA GLU A 128 26.57 24.59 -10.89
C GLU A 128 26.01 25.15 -9.58
N LEU A 129 24.73 25.45 -9.57
CA LEU A 129 24.10 26.17 -8.46
C LEU A 129 23.92 25.25 -7.26
N ALA A 130 23.73 23.94 -7.56
CA ALA A 130 23.75 22.87 -6.58
C ALA A 130 25.13 22.72 -5.97
N PHE A 131 26.21 22.70 -6.80
CA PHE A 131 27.60 22.66 -6.33
C PHE A 131 27.95 23.88 -5.46
N LEU A 132 27.58 25.09 -5.88
CA LEU A 132 27.84 26.31 -5.11
C LEU A 132 27.03 26.30 -3.82
N GLY A 133 25.79 25.76 -3.86
CA GLY A 133 25.00 25.60 -2.66
C GLY A 133 25.66 24.70 -1.60
N ALA A 134 26.23 23.59 -2.08
CA ALA A 134 26.87 22.66 -1.18
C ALA A 134 28.14 23.28 -0.62
N ARG A 135 28.91 23.98 -1.46
CA ARG A 135 30.11 24.67 -1.01
C ARG A 135 29.76 25.73 0.06
N ILE A 136 28.65 26.51 -0.11
CA ILE A 136 28.32 27.54 0.85
C ILE A 136 28.06 26.90 2.22
N ALA A 137 27.29 25.78 2.22
CA ALA A 137 26.91 25.10 3.45
C ALA A 137 28.12 24.47 4.12
N ARG A 138 28.95 23.80 3.34
CA ARG A 138 30.26 23.29 3.77
C ARG A 138 31.11 24.36 4.47
N GLU A 139 31.15 25.60 3.92
CA GLU A 139 31.98 26.67 4.45
C GLU A 139 31.45 27.08 5.82
N ALA A 140 30.12 27.19 5.96
CA ALA A 140 29.51 27.49 7.26
C ALA A 140 29.60 26.33 8.25
N ALA A 141 29.42 25.08 7.78
CA ALA A 141 29.23 23.94 8.69
C ALA A 141 30.59 23.43 9.21
N ASP A 142 31.68 23.51 8.39
CA ASP A 142 32.94 22.86 8.74
C ASP A 142 33.52 23.39 10.05
N PRO A 143 33.62 24.72 10.35
CA PRO A 143 33.99 25.18 11.67
C PRO A 143 33.11 24.64 12.79
N HIS A 144 31.83 24.39 12.53
CA HIS A 144 30.97 23.89 13.59
C HIS A 144 31.02 22.38 13.68
N GLY A 145 31.67 21.68 12.73
CA GLY A 145 31.64 20.23 12.65
C GLY A 145 30.23 19.63 12.46
N ALA A 146 29.34 20.32 11.72
CA ALA A 146 28.00 19.90 11.44
C ALA A 146 27.83 19.16 10.10
N PHE A 147 26.65 18.54 9.88
CA PHE A 147 26.37 17.84 8.65
C PHE A 147 25.72 18.81 7.67
N VAL A 148 25.96 18.59 6.37
CA VAL A 148 25.27 19.26 5.28
C VAL A 148 24.39 18.25 4.51
N ALA A 149 23.09 18.57 4.38
CA ALA A 149 22.14 17.84 3.57
C ALA A 149 21.96 18.55 2.21
N GLY A 150 22.26 17.82 1.15
CA GLY A 150 21.99 18.30 -0.21
C GLY A 150 20.51 18.12 -0.56
N ALA A 151 19.77 19.21 -0.47
CA ALA A 151 18.31 19.24 -0.55
C ALA A 151 17.90 19.39 -2.01
N LEU A 152 17.05 18.46 -2.50
CA LEU A 152 16.33 18.59 -3.76
C LEU A 152 14.84 18.38 -3.50
N GLY A 153 14.02 19.28 -4.07
CA GLY A 153 12.58 19.34 -3.84
C GLY A 153 11.90 18.62 -4.98
N PRO A 154 10.56 18.70 -5.09
CA PRO A 154 9.77 17.94 -6.08
C PRO A 154 9.66 18.52 -7.49
N GLY A 155 10.17 19.74 -7.67
CA GLY A 155 10.01 20.49 -8.91
C GLY A 155 8.56 20.95 -9.09
N THR A 156 8.23 21.48 -10.27
CA THR A 156 6.94 22.05 -10.62
C THR A 156 6.08 21.10 -11.47
N LYS A 157 6.50 19.88 -11.77
CA LYS A 157 5.88 19.03 -12.78
C LYS A 157 5.70 17.67 -12.16
N LEU A 158 4.45 17.15 -12.16
CA LEU A 158 4.04 15.90 -11.51
C LEU A 158 4.06 14.74 -12.51
N VAL A 159 4.97 13.78 -12.25
CA VAL A 159 5.29 12.71 -13.16
C VAL A 159 4.14 11.70 -13.23
N SER A 160 3.52 11.36 -12.09
CA SER A 160 2.35 10.47 -12.12
C SER A 160 1.21 10.97 -13.03
N LEU A 161 1.15 12.29 -13.27
CA LEU A 161 0.08 12.95 -14.03
C LEU A 161 0.55 13.31 -15.44
N GLY A 162 1.73 12.90 -15.89
CA GLY A 162 2.08 13.11 -17.28
C GLY A 162 2.67 14.47 -17.57
N GLN A 163 2.93 15.27 -16.56
CA GLN A 163 3.35 16.66 -16.78
C GLN A 163 4.84 16.72 -17.15
N ILE A 164 5.57 15.61 -16.94
CA ILE A 164 6.95 15.42 -17.38
C ILE A 164 7.23 13.91 -17.48
N SER A 165 8.14 13.54 -18.38
CA SER A 165 8.57 12.19 -18.61
C SER A 165 9.55 11.83 -17.48
N TRP A 166 9.49 10.56 -17.07
CA TRP A 166 10.44 9.92 -16.17
C TRP A 166 11.88 10.25 -16.54
N ASP A 167 12.22 10.26 -17.83
CA ASP A 167 13.58 10.47 -18.28
C ASP A 167 14.03 11.92 -18.08
N ALA A 168 13.23 12.91 -18.50
CA ALA A 168 13.62 14.29 -18.26
C ALA A 168 13.74 14.55 -16.75
N LEU A 169 12.86 13.97 -15.96
CA LEU A 169 12.89 14.17 -14.53
C LEU A 169 14.12 13.51 -13.95
N TYR A 170 14.42 12.26 -14.35
CA TYR A 170 15.57 11.48 -13.92
C TYR A 170 16.89 12.23 -14.16
N ARG A 171 17.03 12.77 -15.36
CA ARG A 171 18.18 13.57 -15.76
C ARG A 171 18.35 14.83 -14.87
N ALA A 172 17.21 15.40 -14.46
CA ALA A 172 17.27 16.62 -13.66
C ALA A 172 17.80 16.32 -12.24
N TYR A 173 17.37 15.21 -11.63
CA TYR A 173 17.88 14.88 -10.30
C TYR A 173 19.33 14.43 -10.39
N LYS A 174 19.68 13.72 -11.47
CA LYS A 174 21.02 13.19 -11.58
C LYS A 174 22.05 14.33 -11.61
N GLU A 175 21.92 15.28 -12.58
CA GLU A 175 22.89 16.36 -12.71
C GLU A 175 22.94 17.23 -11.44
N ALA A 176 21.78 17.47 -10.82
CA ALA A 176 21.73 18.25 -9.58
C ALA A 176 22.48 17.54 -8.45
N ALA A 177 22.22 16.26 -8.29
CA ALA A 177 22.85 15.47 -7.22
C ALA A 177 24.36 15.37 -7.40
N ARG A 178 24.77 15.40 -8.66
CA ARG A 178 26.18 15.40 -9.04
C ARG A 178 26.90 16.63 -8.46
N GLY A 179 26.25 17.80 -8.62
CA GLY A 179 26.73 19.07 -8.08
C GLY A 179 26.90 19.01 -6.55
N LEU A 180 25.83 18.55 -5.87
CA LEU A 180 25.81 18.37 -4.44
C LEU A 180 26.95 17.44 -3.97
N LEU A 181 27.18 16.30 -4.67
CA LEU A 181 28.18 15.31 -4.25
C LEU A 181 29.58 15.89 -4.44
N LYS A 182 29.83 16.51 -5.60
CA LYS A 182 31.12 17.16 -5.85
C LYS A 182 31.34 18.33 -4.89
N GLY A 183 30.29 18.90 -4.29
CA GLY A 183 30.40 19.99 -3.34
C GLY A 183 30.70 19.54 -1.92
N GLY A 184 30.71 18.25 -1.62
CA GLY A 184 31.02 17.75 -0.27
C GLY A 184 29.83 17.55 0.69
N VAL A 185 28.58 17.39 0.21
CA VAL A 185 27.46 17.12 1.13
C VAL A 185 27.66 15.76 1.80
N ASP A 186 27.12 15.61 3.02
CA ASP A 186 27.22 14.38 3.80
C ASP A 186 26.07 13.44 3.57
N LEU A 187 24.97 13.94 2.95
CA LEU A 187 23.83 13.12 2.63
C LEU A 187 23.02 13.85 1.56
N ILE A 188 22.20 13.12 0.78
CA ILE A 188 21.25 13.73 -0.14
C ILE A 188 19.85 13.59 0.43
N LEU A 189 19.13 14.71 0.39
CA LEU A 189 17.84 14.84 1.01
C LEU A 189 16.84 15.13 -0.09
N LEU A 190 15.93 14.18 -0.34
CA LEU A 190 14.84 14.40 -1.23
C LEU A 190 13.64 14.80 -0.39
N GLU A 191 13.14 16.01 -0.61
CA GLU A 191 12.22 16.63 0.35
C GLU A 191 10.98 17.23 -0.31
N THR A 192 9.93 17.49 0.51
CA THR A 192 8.65 18.07 0.07
C THR A 192 8.08 17.26 -1.09
N ALA A 193 8.17 15.90 -1.02
CA ALA A 193 7.72 15.07 -2.14
C ALA A 193 6.20 15.09 -2.22
N GLN A 194 5.68 15.33 -3.44
CA GLN A 194 4.23 15.33 -3.65
C GLN A 194 3.72 14.15 -4.48
N ASP A 195 4.67 13.44 -5.12
CA ASP A 195 4.37 12.47 -6.17
C ASP A 195 5.22 11.23 -5.92
N ILE A 196 4.58 10.11 -5.53
CA ILE A 196 5.28 8.99 -5.00
C ILE A 196 6.13 8.33 -6.10
N LEU A 197 5.75 8.51 -7.37
CA LEU A 197 6.57 8.02 -8.48
C LEU A 197 7.85 8.88 -8.64
N GLN A 198 7.71 10.19 -8.45
CA GLN A 198 8.88 11.06 -8.45
C GLN A 198 9.89 10.58 -7.41
N VAL A 199 9.38 10.06 -6.29
CA VAL A 199 10.29 9.67 -5.21
C VAL A 199 11.16 8.56 -5.78
N ARG A 200 10.51 7.52 -6.36
CA ARG A 200 11.25 6.42 -6.97
C ARG A 200 12.24 6.96 -8.02
N CYS A 201 11.77 7.84 -8.94
CA CYS A 201 12.58 8.40 -10.01
C CYS A 201 13.84 9.09 -9.46
N ALA A 202 13.65 9.97 -8.47
CA ALA A 202 14.74 10.77 -7.89
C ALA A 202 15.69 9.92 -7.04
N VAL A 203 15.19 9.00 -6.24
CA VAL A 203 16.01 8.06 -5.49
C VAL A 203 16.97 7.32 -6.43
N LEU A 204 16.45 6.80 -7.55
CA LEU A 204 17.27 6.04 -8.49
C LEU A 204 18.26 6.99 -9.21
N ALA A 205 17.86 8.21 -9.58
CA ALA A 205 18.73 9.17 -10.24
C ALA A 205 19.90 9.60 -9.35
N VAL A 206 19.61 9.87 -8.09
CA VAL A 206 20.57 10.32 -7.09
C VAL A 206 21.55 9.18 -6.80
N ARG A 207 21.09 7.93 -6.77
CA ARG A 207 21.93 6.76 -6.62
C ARG A 207 22.94 6.65 -7.77
N GLU A 208 22.47 6.96 -9.00
CA GLU A 208 23.25 6.86 -10.24
C GLU A 208 24.32 7.96 -10.24
N ALA A 209 23.96 9.11 -9.66
CA ALA A 209 24.87 10.24 -9.47
C ALA A 209 26.03 9.82 -8.58
N MET A 210 25.74 9.10 -7.51
CA MET A 210 26.75 8.61 -6.59
C MET A 210 27.73 7.68 -7.30
N ALA A 211 27.18 6.80 -8.13
CA ALA A 211 27.99 5.84 -8.86
C ALA A 211 28.83 6.58 -9.91
N GLU A 212 28.28 7.57 -10.62
CA GLU A 212 29.04 8.29 -11.62
C GLU A 212 30.20 9.03 -10.99
N VAL A 213 30.00 9.63 -9.83
CA VAL A 213 30.95 10.53 -9.19
C VAL A 213 31.93 9.69 -8.37
N GLY A 214 31.61 8.43 -8.07
CA GLY A 214 32.42 7.60 -7.19
C GLY A 214 32.32 7.99 -5.73
N ARG A 215 31.17 8.51 -5.29
CA ARG A 215 30.99 8.91 -3.91
C ARG A 215 29.57 8.62 -3.44
N GLU A 216 29.45 7.69 -2.49
CA GLU A 216 28.17 7.29 -1.95
C GLU A 216 27.94 8.04 -0.63
N VAL A 217 26.71 8.49 -0.36
CA VAL A 217 26.29 9.14 0.88
C VAL A 217 24.90 8.61 1.24
N PRO A 218 24.47 8.69 2.53
CA PRO A 218 23.12 8.33 2.93
C PRO A 218 22.06 9.10 2.16
N LEU A 219 20.91 8.46 1.96
CA LEU A 219 19.82 9.10 1.25
C LEU A 219 18.62 9.22 2.19
N GLN A 220 18.09 10.43 2.29
CA GLN A 220 16.97 10.75 3.15
C GLN A 220 15.85 11.25 2.25
N VAL A 221 14.65 10.68 2.48
CA VAL A 221 13.49 10.95 1.67
C VAL A 221 12.36 11.39 2.59
N GLN A 222 11.85 12.61 2.32
CA GLN A 222 10.76 13.22 3.05
C GLN A 222 9.63 13.57 2.08
N VAL A 223 8.40 13.09 2.39
CA VAL A 223 7.19 13.43 1.64
C VAL A 223 6.47 14.55 2.36
N THR A 224 5.55 15.19 1.63
CA THR A 224 4.68 16.19 2.19
C THR A 224 3.25 15.65 2.22
N PHE A 225 2.65 15.66 3.40
CA PHE A 225 1.20 15.38 3.49
C PHE A 225 0.46 16.71 3.64
N GLU A 226 -0.42 16.91 2.65
CA GLU A 226 -1.29 18.06 2.56
C GLU A 226 -2.21 18.08 3.77
N ALA A 227 -2.93 19.23 3.93
CA ALA A 227 -3.86 19.40 5.03
C ALA A 227 -5.00 18.38 4.93
N THR A 228 -5.31 17.91 3.70
CA THR A 228 -6.36 16.93 3.45
C THR A 228 -6.01 15.53 3.96
N GLY A 229 -4.73 15.22 4.15
CA GLY A 229 -4.35 13.96 4.77
C GLY A 229 -3.44 13.12 3.86
N THR A 230 -3.36 13.43 2.55
CA THR A 230 -2.56 12.65 1.63
C THR A 230 -1.50 13.53 0.98
N MET A 231 -0.54 12.88 0.31
CA MET A 231 0.29 13.59 -0.67
C MET A 231 -0.65 14.12 -1.74
N LEU A 232 -0.18 15.14 -2.41
CA LEU A 232 -0.97 15.91 -3.37
C LEU A 232 -1.59 14.97 -4.42
N VAL A 233 -0.83 14.00 -4.93
CA VAL A 233 -1.37 13.14 -5.99
C VAL A 233 -2.24 12.00 -5.40
N GLY A 234 -2.39 11.91 -4.06
CA GLY A 234 -3.45 11.12 -3.40
C GLY A 234 -2.94 9.97 -2.52
N THR A 235 -1.61 9.85 -2.37
CA THR A 235 -0.98 8.77 -1.62
C THR A 235 -1.13 8.95 -0.11
N ASP A 236 -1.71 7.97 0.60
CA ASP A 236 -1.76 8.06 2.05
C ASP A 236 -0.40 7.71 2.67
N GLU A 237 -0.33 7.83 4.00
CA GLU A 237 0.88 7.51 4.75
C GLU A 237 1.25 6.04 4.60
N GLN A 238 0.27 5.13 4.59
CA GLN A 238 0.57 3.70 4.53
C GLN A 238 1.22 3.37 3.18
N ALA A 239 0.64 3.93 2.09
CA ALA A 239 1.09 3.65 0.73
C ALA A 239 2.46 4.31 0.53
N ALA A 240 2.66 5.48 1.16
CA ALA A 240 3.93 6.16 1.09
C ALA A 240 5.02 5.27 1.68
N LEU A 241 4.81 4.83 2.93
CA LEU A 241 5.83 4.04 3.64
C LEU A 241 6.12 2.71 2.92
N ALA A 242 5.08 2.03 2.42
CA ALA A 242 5.20 0.77 1.67
C ALA A 242 6.08 0.94 0.43
N ALA A 243 5.85 2.04 -0.30
CA ALA A 243 6.64 2.50 -1.42
C ALA A 243 8.05 2.93 -1.07
N LEU A 244 8.38 3.23 0.19
CA LEU A 244 9.73 3.68 0.59
C LEU A 244 10.55 2.54 1.19
N GLU A 245 9.86 1.64 1.92
CA GLU A 245 10.53 0.57 2.68
C GLU A 245 11.39 -0.35 1.80
N SER A 246 11.04 -0.49 0.52
CA SER A 246 11.79 -1.37 -0.38
C SER A 246 12.79 -0.65 -1.30
N LEU A 247 12.96 0.69 -1.15
CA LEU A 247 13.91 1.46 -1.97
C LEU A 247 15.28 1.64 -1.29
N PRO A 248 16.36 2.02 -2.04
CA PRO A 248 17.67 2.24 -1.46
C PRO A 248 17.85 3.58 -0.76
N VAL A 249 17.18 3.68 0.41
CA VAL A 249 17.02 4.87 1.24
C VAL A 249 17.31 4.50 2.69
N ASP A 250 17.76 5.50 3.47
CA ASP A 250 18.32 5.29 4.80
C ASP A 250 17.39 5.90 5.84
N VAL A 251 16.71 6.96 5.46
CA VAL A 251 15.93 7.81 6.35
C VAL A 251 14.67 8.21 5.59
N VAL A 252 13.51 8.06 6.24
CA VAL A 252 12.20 8.42 5.71
C VAL A 252 11.60 9.45 6.68
N GLY A 253 10.72 10.28 6.16
CA GLY A 253 10.20 11.35 7.00
C GLY A 253 9.20 12.24 6.29
N MET A 254 8.87 13.37 6.92
CA MET A 254 8.01 14.34 6.28
C MET A 254 8.39 15.80 6.59
N ASN A 255 7.94 16.71 5.73
CA ASN A 255 8.24 18.12 5.89
C ASN A 255 7.12 18.86 5.19
N CYS A 256 6.81 20.05 5.71
CA CYS A 256 6.07 21.08 5.01
C CYS A 256 4.57 20.81 5.08
N ALA A 257 3.85 21.77 4.42
CA ALA A 257 2.39 21.80 4.27
C ALA A 257 1.59 22.14 5.53
N THR A 258 1.90 21.50 6.64
CA THR A 258 1.17 21.73 7.87
C THR A 258 2.17 21.88 9.03
N GLY A 259 1.57 22.25 10.17
CA GLY A 259 2.23 22.24 11.46
C GLY A 259 2.26 20.82 12.00
N PRO A 260 2.89 20.61 13.15
CA PRO A 260 3.00 19.28 13.72
C PRO A 260 1.69 18.62 14.11
N ASP A 261 0.68 19.45 14.37
CA ASP A 261 -0.63 18.95 14.80
C ASP A 261 -1.21 17.99 13.77
N LEU A 262 -1.53 18.51 12.57
CA LEU A 262 -1.98 17.68 11.44
C LEU A 262 -0.95 16.59 11.05
N MET A 263 0.35 16.83 11.23
CA MET A 263 1.41 15.89 10.90
C MET A 263 1.43 14.71 11.92
N ASP A 264 0.94 14.90 13.16
CA ASP A 264 1.09 13.93 14.25
C ASP A 264 0.75 12.46 13.88
N SER A 265 -0.44 12.16 13.34
CA SER A 265 -0.81 10.77 12.99
C SER A 265 0.16 10.19 11.97
N LYS A 266 0.69 11.03 11.05
CA LYS A 266 1.53 10.57 9.97
C LYS A 266 2.94 10.31 10.48
N VAL A 267 3.47 11.19 11.34
CA VAL A 267 4.74 11.02 12.06
C VAL A 267 4.67 9.78 12.97
N ARG A 268 3.57 9.56 13.66
CA ARG A 268 3.46 8.42 14.55
C ARG A 268 3.45 7.13 13.71
N TYR A 269 2.72 7.11 12.59
CA TYR A 269 2.73 5.94 11.70
C TYR A 269 4.17 5.63 11.25
N PHE A 270 4.99 6.64 10.91
CA PHE A 270 6.34 6.38 10.38
C PHE A 270 7.23 5.90 11.54
N ALA A 271 7.13 6.60 12.69
CA ALA A 271 7.92 6.25 13.87
C ALA A 271 7.62 4.85 14.35
N GLU A 272 6.35 4.45 14.31
CA GLU A 272 5.95 3.13 14.74
C GLU A 272 6.36 2.02 13.73
N HIS A 273 6.33 2.24 12.41
CA HIS A 273 6.38 1.09 11.51
C HIS A 273 7.70 1.02 10.72
N SER A 274 8.40 2.14 10.46
CA SER A 274 9.56 2.14 9.56
C SER A 274 10.80 1.41 10.13
N THR A 275 11.47 0.59 9.31
CA THR A 275 12.79 0.07 9.65
C THR A 275 13.90 1.13 9.54
N ARG A 276 13.65 2.21 8.77
CA ARG A 276 14.64 3.27 8.56
C ARG A 276 14.50 4.26 9.71
N PHE A 277 15.44 5.18 9.82
CA PHE A 277 15.34 6.34 10.68
C PHE A 277 14.25 7.24 10.11
N VAL A 278 13.72 8.08 10.99
CA VAL A 278 12.55 8.90 10.71
C VAL A 278 12.90 10.36 11.01
N SER A 279 12.53 11.22 10.07
CA SER A 279 12.68 12.66 10.25
C SER A 279 11.30 13.39 10.20
N CYS A 280 11.25 14.59 10.78
CA CYS A 280 10.05 15.41 10.83
C CYS A 280 10.43 16.86 10.84
N LEU A 281 9.92 17.62 9.85
CA LEU A 281 10.19 19.07 9.76
C LEU A 281 8.90 19.81 9.46
N PRO A 282 8.10 20.15 10.51
CA PRO A 282 6.89 20.94 10.31
C PRO A 282 7.16 22.36 9.83
N ASN A 283 6.13 22.91 9.18
CA ASN A 283 6.03 24.28 8.70
C ASN A 283 5.38 25.07 9.85
N ALA A 284 5.33 26.41 9.72
CA ALA A 284 4.77 27.22 10.79
C ALA A 284 3.48 27.94 10.39
N ASP A 297 0.48 31.68 13.78
CA ASP A 297 1.46 30.64 13.34
C ASP A 297 2.03 29.98 14.60
N LEU A 298 2.90 28.97 14.37
CA LEU A 298 3.49 28.12 15.40
C LEU A 298 4.67 28.82 16.08
N THR A 299 4.62 28.95 17.42
CA THR A 299 5.68 29.63 18.14
C THR A 299 6.86 28.68 18.28
N PRO A 300 8.09 29.19 18.45
CA PRO A 300 9.21 28.36 18.87
C PRO A 300 8.88 27.38 20.02
N GLU A 301 8.15 27.84 21.05
CA GLU A 301 7.88 27.03 22.24
C GLU A 301 6.99 25.83 21.88
N GLU A 302 5.92 26.07 21.09
CA GLU A 302 5.01 25.05 20.61
C GLU A 302 5.78 23.97 19.83
N LEU A 303 6.65 24.38 18.90
CA LEU A 303 7.35 23.45 18.03
C LEU A 303 8.26 22.60 18.90
N ALA A 304 8.87 23.23 19.92
CA ALA A 304 9.75 22.50 20.83
C ALA A 304 9.00 21.42 21.61
N LYS A 305 7.73 21.66 21.94
CA LYS A 305 6.92 20.68 22.69
C LYS A 305 6.49 19.53 21.79
N TRP A 306 6.13 19.84 20.54
CA TRP A 306 5.77 18.82 19.59
C TRP A 306 6.99 17.98 19.28
N HIS A 307 8.20 18.56 19.18
CA HIS A 307 9.36 17.72 18.85
C HIS A 307 9.83 16.88 20.04
N LEU A 308 9.59 17.36 21.26
CA LEU A 308 9.82 16.59 22.48
C LEU A 308 8.91 15.37 22.50
N LYS A 309 7.60 15.56 22.14
CA LYS A 309 6.69 14.45 21.99
C LYS A 309 7.22 13.48 20.93
N PHE A 310 7.52 13.97 19.72
CA PHE A 310 7.92 13.12 18.61
C PHE A 310 9.19 12.32 18.91
N VAL A 311 10.19 12.91 19.61
CA VAL A 311 11.47 12.27 19.88
C VAL A 311 11.29 11.28 21.04
N ALA A 312 10.82 11.75 22.22
CA ALA A 312 10.83 11.00 23.44
C ALA A 312 9.71 9.96 23.48
N GLU A 313 8.55 10.29 22.94
CA GLU A 313 7.40 9.40 22.95
C GLU A 313 7.39 8.51 21.71
N TYR A 314 7.63 9.03 20.50
CA TYR A 314 7.55 8.21 19.30
C TYR A 314 8.89 7.67 18.79
N GLY A 315 10.02 8.32 19.08
CA GLY A 315 11.32 7.79 18.65
C GLY A 315 11.76 8.39 17.31
N VAL A 316 11.26 9.58 16.97
CA VAL A 316 11.71 10.28 15.79
C VAL A 316 13.19 10.63 15.95
N ASN A 317 13.97 10.40 14.87
CA ASN A 317 15.43 10.46 14.86
C ASN A 317 16.05 11.80 14.50
N ALA A 318 15.38 12.60 13.65
CA ALA A 318 15.80 13.94 13.28
C ALA A 318 14.60 14.88 13.18
N VAL A 319 14.79 16.12 13.69
CA VAL A 319 13.69 17.07 13.87
C VAL A 319 14.19 18.43 13.44
N GLY A 320 13.37 19.17 12.72
CA GLY A 320 13.70 20.54 12.35
C GLY A 320 12.46 21.31 11.99
N GLY A 321 12.62 22.30 11.11
CA GLY A 321 11.44 23.02 10.64
C GLY A 321 11.50 23.32 9.15
N CYS A 322 10.32 23.57 8.56
CA CYS A 322 10.24 23.99 7.16
C CYS A 322 9.80 25.45 7.10
N CYS A 323 9.22 25.85 5.95
CA CYS A 323 8.65 27.16 5.70
C CYS A 323 7.92 27.77 6.92
N GLY A 324 8.34 28.99 7.30
CA GLY A 324 7.80 29.78 8.38
C GLY A 324 8.55 29.59 9.69
N THR A 325 9.47 28.62 9.80
CA THR A 325 10.24 28.44 11.02
C THR A 325 11.52 29.24 10.83
N GLY A 326 11.98 29.94 11.90
CA GLY A 326 13.27 30.63 11.86
C GLY A 326 14.26 30.04 12.86
N PRO A 327 15.45 30.66 12.98
CA PRO A 327 16.44 30.26 14.00
C PRO A 327 15.88 30.01 15.40
N GLU A 328 14.91 30.84 15.79
CA GLU A 328 14.43 30.85 17.16
C GLU A 328 13.67 29.56 17.44
N HIS A 329 12.96 29.05 16.40
CA HIS A 329 12.25 27.78 16.47
C HIS A 329 13.26 26.67 16.74
N ILE A 330 14.41 26.74 16.02
CA ILE A 330 15.42 25.68 16.11
C ILE A 330 16.14 25.71 17.48
N ARG A 331 16.40 26.92 18.02
CA ARG A 331 16.98 27.13 19.36
C ARG A 331 16.22 26.35 20.43
N LYS A 332 14.91 26.58 20.50
CA LYS A 332 14.00 25.99 21.48
C LYS A 332 13.88 24.46 21.31
N VAL A 333 13.76 24.00 20.08
CA VAL A 333 13.78 22.57 19.76
C VAL A 333 15.09 21.91 20.20
N ALA A 334 16.26 22.47 19.87
CA ALA A 334 17.55 21.91 20.30
C ALA A 334 17.69 21.84 21.84
N GLU A 335 17.29 22.89 22.56
CA GLU A 335 17.18 22.81 24.01
C GLU A 335 16.22 21.71 24.50
N ALA A 336 15.11 21.50 23.79
CA ALA A 336 14.14 20.52 24.22
C ALA A 336 14.58 19.07 24.01
N VAL A 337 15.50 18.80 23.09
CA VAL A 337 15.71 17.46 22.55
C VAL A 337 17.12 16.93 22.86
N LYS A 338 18.08 17.83 23.12
CA LYS A 338 19.40 17.53 23.67
C LYS A 338 19.36 16.48 24.80
N GLY A 339 20.07 15.38 24.60
CA GLY A 339 20.31 14.42 25.66
C GLY A 339 19.27 13.30 25.77
N LEU A 340 18.28 13.26 24.86
CA LEU A 340 17.27 12.20 24.86
C LEU A 340 17.87 10.98 24.22
N ALA A 341 17.62 9.77 24.76
CA ALA A 341 18.23 8.58 24.18
C ALA A 341 17.36 8.14 22.99
N PRO A 342 17.87 7.86 21.77
CA PRO A 342 17.04 7.34 20.69
C PRO A 342 16.35 6.03 21.07
N LYS A 343 15.11 5.85 20.69
CA LYS A 343 14.49 4.52 20.72
C LYS A 343 14.97 3.63 19.54
N PRO A 344 15.13 2.29 19.72
CA PRO A 344 15.56 1.47 18.59
C PRO A 344 14.46 1.45 17.53
N ARG A 345 14.86 1.45 16.26
CA ARG A 345 13.92 1.27 15.15
C ARG A 345 13.40 -0.16 15.06
N PRO A 346 12.14 -0.41 14.60
CA PRO A 346 11.69 -1.74 14.24
C PRO A 346 12.64 -2.45 13.28
N GLU A 347 12.66 -3.79 13.34
CA GLU A 347 13.62 -4.57 12.53
C GLU A 347 12.97 -5.21 11.32
N SER A 348 11.68 -5.52 11.37
CA SER A 348 10.97 -5.94 10.18
C SER A 348 9.78 -5.03 9.92
N PHE A 349 9.38 -5.02 8.64
CA PHE A 349 8.28 -4.28 8.08
C PHE A 349 7.38 -5.34 7.45
N PRO A 350 6.04 -5.38 7.67
CA PRO A 350 5.21 -6.38 7.02
C PRO A 350 5.28 -6.26 5.49
N PRO A 351 5.31 -7.39 4.74
CA PRO A 351 5.37 -7.30 3.29
C PRO A 351 4.12 -6.63 2.72
N GLN A 352 4.33 -5.58 1.94
CA GLN A 352 3.22 -4.80 1.40
C GLN A 352 3.59 -4.24 0.04
N VAL A 353 2.57 -4.11 -0.82
CA VAL A 353 2.72 -3.47 -2.11
C VAL A 353 1.78 -2.26 -2.14
N ALA A 354 1.79 -1.46 -3.20
CA ALA A 354 1.07 -0.21 -3.16
C ALA A 354 0.77 0.33 -4.56
N SER A 355 -0.43 0.94 -4.67
CA SER A 355 -0.81 1.76 -5.83
C SER A 355 -0.34 3.20 -5.60
N LEU A 356 -0.78 4.12 -6.45
CA LEU A 356 -0.69 5.53 -6.14
C LEU A 356 -1.38 5.88 -4.81
N TYR A 357 -2.40 5.13 -4.43
CA TYR A 357 -3.34 5.60 -3.42
C TYR A 357 -3.21 4.84 -2.11
N GLN A 358 -2.90 3.53 -2.17
CA GLN A 358 -3.11 2.70 -0.98
C GLN A 358 -2.12 1.55 -0.93
N ALA A 359 -1.74 1.20 0.30
CA ALA A 359 -0.95 -0.01 0.55
C ALA A 359 -1.84 -1.22 0.60
N VAL A 360 -1.30 -2.39 0.21
CA VAL A 360 -1.99 -3.66 0.26
C VAL A 360 -1.00 -4.68 0.79
N SER A 361 -1.41 -5.39 1.86
CA SER A 361 -0.58 -6.42 2.46
C SER A 361 -0.46 -7.61 1.52
N LEU A 362 0.74 -8.17 1.43
CA LEU A 362 0.93 -9.39 0.64
C LEU A 362 0.49 -10.62 1.44
N LYS A 363 0.58 -10.53 2.77
CA LYS A 363 -0.08 -11.48 3.65
C LYS A 363 -1.43 -10.88 4.06
N GLN A 364 -2.46 -11.20 3.29
CA GLN A 364 -3.83 -10.72 3.50
C GLN A 364 -4.43 -11.47 4.67
N GLU A 365 -5.12 -10.73 5.55
CA GLU A 365 -5.79 -11.31 6.72
C GLU A 365 -6.94 -12.23 6.28
N ALA A 366 -6.84 -13.49 6.73
CA ALA A 366 -7.85 -14.51 6.57
C ALA A 366 -8.17 -14.83 5.10
N SER A 367 -7.20 -14.66 4.23
CA SER A 367 -7.51 -14.75 2.79
C SER A 367 -6.21 -14.85 2.01
N LEU A 368 -6.31 -15.44 0.85
CA LEU A 368 -5.29 -15.32 -0.17
C LEU A 368 -5.22 -13.88 -0.64
N PHE A 369 -4.01 -13.52 -1.12
CA PHE A 369 -3.83 -12.33 -1.95
C PHE A 369 -4.23 -12.66 -3.39
N LEU A 370 -5.37 -12.08 -3.84
CA LEU A 370 -6.04 -12.41 -5.07
C LEU A 370 -5.69 -11.42 -6.16
N VAL A 371 -5.17 -11.95 -7.24
CA VAL A 371 -4.64 -11.17 -8.33
C VAL A 371 -5.54 -11.47 -9.53
N GLY A 372 -6.37 -10.49 -9.89
CA GLY A 372 -7.10 -10.53 -11.14
C GLY A 372 -6.24 -10.69 -12.39
N GLU A 373 -6.77 -11.44 -13.37
CA GLU A 373 -6.00 -11.77 -14.56
C GLU A 373 -6.75 -11.33 -15.82
N ARG A 374 -7.87 -10.63 -15.74
CA ARG A 374 -8.58 -10.33 -16.98
C ARG A 374 -7.83 -9.29 -17.82
N LEU A 375 -6.87 -8.54 -17.25
CA LEU A 375 -6.11 -7.58 -18.03
C LEU A 375 -4.89 -8.23 -18.67
N ASN A 376 -5.09 -9.41 -19.27
CA ASN A 376 -4.06 -10.25 -19.87
C ASN A 376 -4.46 -10.58 -21.30
N ALA A 377 -3.68 -10.12 -22.27
CA ALA A 377 -4.07 -10.23 -23.67
C ALA A 377 -4.14 -11.71 -24.07
N THR A 378 -3.30 -12.54 -23.44
CA THR A 378 -3.15 -13.96 -23.75
C THR A 378 -4.38 -14.70 -23.23
N GLY A 379 -4.82 -14.43 -21.98
CA GLY A 379 -5.91 -15.12 -21.31
C GLY A 379 -7.27 -14.47 -21.44
N SER A 380 -7.47 -13.38 -22.21
CA SER A 380 -8.72 -12.61 -22.15
C SER A 380 -9.07 -11.95 -23.48
N LYS A 381 -10.08 -12.46 -24.18
CA LYS A 381 -10.48 -12.03 -25.51
C LYS A 381 -10.99 -10.60 -25.45
N ARG A 382 -11.82 -10.30 -24.43
CA ARG A 382 -12.34 -8.96 -24.14
C ARG A 382 -11.19 -7.95 -24.06
N PHE A 383 -10.17 -8.19 -23.23
CA PHE A 383 -9.11 -7.21 -23.01
C PHE A 383 -8.35 -6.95 -24.31
N ARG A 384 -8.02 -8.04 -25.01
CA ARG A 384 -7.34 -8.05 -26.30
C ARG A 384 -8.07 -7.15 -27.32
N GLU A 385 -9.38 -7.41 -27.56
CA GLU A 385 -10.26 -6.58 -28.40
C GLU A 385 -10.19 -5.10 -27.99
N MET A 386 -10.33 -4.79 -26.70
CA MET A 386 -10.32 -3.40 -26.23
C MET A 386 -8.94 -2.75 -26.40
N LEU A 387 -7.85 -3.50 -26.15
CA LEU A 387 -6.49 -3.01 -26.36
C LEU A 387 -6.25 -2.64 -27.83
N PHE A 388 -6.65 -3.51 -28.77
CA PHE A 388 -6.37 -3.29 -30.17
C PHE A 388 -7.24 -2.14 -30.68
N ALA A 389 -8.45 -1.99 -30.15
CA ALA A 389 -9.39 -0.95 -30.57
C ALA A 389 -9.09 0.35 -29.83
N ARG A 390 -8.14 0.35 -28.87
CA ARG A 390 -7.78 1.51 -28.06
C ARG A 390 -9.01 1.94 -27.24
N ASP A 391 -9.76 0.97 -26.71
CA ASP A 391 -10.93 1.25 -25.89
C ASP A 391 -10.49 1.38 -24.44
N LEU A 392 -10.07 2.60 -24.10
CA LEU A 392 -9.61 2.92 -22.76
C LEU A 392 -10.74 2.76 -21.75
N GLU A 393 -11.92 3.28 -22.04
CA GLU A 393 -13.05 3.27 -21.12
C GLU A 393 -13.43 1.84 -20.75
N GLY A 394 -13.35 0.91 -21.71
CA GLY A 394 -13.67 -0.50 -21.50
C GLY A 394 -12.66 -1.22 -20.61
N ILE A 395 -11.38 -0.94 -20.80
CA ILE A 395 -10.30 -1.50 -20.01
C ILE A 395 -10.39 -1.05 -18.55
N LEU A 396 -10.67 0.24 -18.32
CA LEU A 396 -10.85 0.74 -16.95
C LEU A 396 -12.09 0.14 -16.24
N ALA A 397 -13.22 -0.13 -16.97
CA ALA A 397 -14.40 -0.77 -16.41
C ALA A 397 -14.07 -2.21 -16.06
N LEU A 398 -13.28 -2.86 -16.91
CA LEU A 398 -12.81 -4.22 -16.66
C LEU A 398 -11.91 -4.26 -15.41
N ALA A 399 -10.97 -3.30 -15.32
CA ALA A 399 -10.16 -3.11 -14.13
C ALA A 399 -11.04 -2.97 -12.88
N ARG A 400 -12.06 -2.09 -12.97
CA ARG A 400 -12.92 -1.80 -11.82
C ARG A 400 -13.74 -3.06 -11.44
N GLU A 401 -14.33 -3.74 -12.40
CA GLU A 401 -15.09 -4.96 -12.19
C GLU A 401 -14.28 -5.93 -11.34
N GLN A 402 -12.98 -6.12 -11.70
CA GLN A 402 -12.10 -7.04 -10.97
C GLN A 402 -11.86 -6.62 -9.53
N VAL A 403 -11.70 -5.32 -9.30
CA VAL A 403 -11.40 -4.79 -7.98
C VAL A 403 -12.64 -4.89 -7.09
N GLU A 404 -13.80 -4.64 -7.73
CA GLU A 404 -15.12 -4.78 -7.11
C GLU A 404 -15.39 -6.22 -6.68
N GLU A 405 -14.84 -7.20 -7.41
CA GLU A 405 -14.96 -8.61 -7.09
C GLU A 405 -13.87 -9.13 -6.14
N GLY A 406 -12.96 -8.24 -5.68
CA GLY A 406 -12.09 -8.57 -4.57
C GLY A 406 -10.61 -8.63 -4.91
N ALA A 407 -10.22 -8.41 -6.17
CA ALA A 407 -8.82 -8.34 -6.56
C ALA A 407 -8.04 -7.30 -5.72
N HIS A 408 -7.07 -7.81 -4.99
CA HIS A 408 -6.07 -7.03 -4.27
C HIS A 408 -5.03 -6.42 -5.19
N ALA A 409 -4.81 -7.04 -6.36
CA ALA A 409 -3.89 -6.53 -7.37
C ALA A 409 -4.31 -7.03 -8.73
N LEU A 410 -3.77 -6.45 -9.81
CA LEU A 410 -4.16 -6.84 -11.16
C LEU A 410 -2.93 -7.22 -11.97
N ASP A 411 -2.97 -8.43 -12.50
CA ASP A 411 -1.95 -8.92 -13.42
C ASP A 411 -2.22 -8.19 -14.74
N LEU A 412 -1.19 -7.57 -15.33
CA LEU A 412 -1.29 -6.92 -16.63
C LEU A 412 -0.32 -7.54 -17.63
N SER A 413 -0.79 -8.19 -18.71
CA SER A 413 0.06 -8.53 -19.87
C SER A 413 -0.61 -7.96 -21.13
N VAL A 414 0.13 -7.12 -21.88
CA VAL A 414 -0.29 -6.66 -23.18
C VAL A 414 0.41 -7.42 -24.32
N ALA A 415 1.38 -8.30 -24.02
CA ALA A 415 2.19 -9.00 -25.01
C ALA A 415 1.35 -9.88 -25.93
N TRP A 416 1.61 -9.74 -27.22
CA TRP A 416 0.86 -10.35 -28.30
C TRP A 416 1.75 -10.41 -29.55
N THR A 417 2.04 -11.61 -30.06
CA THR A 417 2.84 -11.74 -31.28
C THR A 417 2.24 -10.91 -32.43
N GLY A 418 3.12 -10.23 -33.17
CA GLY A 418 2.62 -9.27 -34.15
C GLY A 418 2.64 -7.82 -33.62
N ARG A 419 2.65 -7.54 -32.29
CA ARG A 419 2.51 -6.19 -31.76
C ARG A 419 3.73 -5.71 -31.02
N ASP A 420 3.92 -4.38 -31.01
CA ASP A 420 4.93 -3.71 -30.20
C ASP A 420 4.41 -3.58 -28.76
N GLU A 421 4.95 -4.39 -27.85
CA GLU A 421 4.65 -4.44 -26.43
C GLU A 421 4.82 -3.04 -25.81
N LEU A 422 5.95 -2.41 -26.11
CA LEU A 422 6.38 -1.15 -25.53
C LEU A 422 5.41 -0.02 -25.93
N GLU A 423 4.97 0.02 -27.20
CA GLU A 423 3.96 0.97 -27.66
C GLU A 423 2.64 0.81 -26.86
N ASP A 424 2.19 -0.44 -26.66
CA ASP A 424 0.94 -0.71 -25.96
C ASP A 424 1.05 -0.29 -24.49
N LEU A 425 2.21 -0.53 -23.86
CA LEU A 425 2.36 -0.08 -22.48
C LEU A 425 2.39 1.46 -22.40
N ARG A 426 3.07 2.11 -23.35
CA ARG A 426 3.15 3.57 -23.42
C ARG A 426 1.73 4.11 -23.58
N TRP A 427 0.88 3.43 -24.37
CA TRP A 427 -0.49 3.86 -24.50
C TRP A 427 -1.24 3.66 -23.19
N LEU A 428 -1.11 2.52 -22.51
CA LEU A 428 -2.07 2.14 -21.48
C LEU A 428 -1.62 2.58 -20.08
N LEU A 429 -0.33 2.51 -19.77
CA LEU A 429 0.13 2.66 -18.39
C LEU A 429 -0.12 4.04 -17.81
N PRO A 430 0.06 5.19 -18.53
CA PRO A 430 -0.26 6.50 -17.96
C PRO A 430 -1.67 6.63 -17.35
N HIS A 431 -2.65 5.91 -17.96
CA HIS A 431 -4.04 5.91 -17.53
C HIS A 431 -4.26 5.00 -16.33
N LEU A 432 -3.55 3.86 -16.26
CA LEU A 432 -3.65 2.94 -15.16
C LEU A 432 -3.04 3.53 -13.89
N ALA A 433 -1.99 4.33 -14.06
CA ALA A 433 -1.23 4.97 -12.98
C ALA A 433 -2.09 5.76 -11.99
N THR A 434 -3.09 6.49 -12.55
CA THR A 434 -3.95 7.36 -11.79
C THR A 434 -5.34 6.75 -11.54
N ALA A 435 -5.77 5.77 -12.37
CA ALA A 435 -7.10 5.19 -12.31
C ALA A 435 -7.18 4.07 -11.27
N LEU A 436 -6.10 3.30 -11.14
CA LEU A 436 -6.13 2.13 -10.28
C LEU A 436 -5.99 2.52 -8.82
N THR A 437 -6.84 1.94 -7.97
CA THR A 437 -6.64 1.92 -6.51
C THR A 437 -5.76 0.76 -6.04
N VAL A 438 -5.56 -0.27 -6.89
CA VAL A 438 -4.80 -1.46 -6.48
C VAL A 438 -3.49 -1.52 -7.23
N PRO A 439 -2.48 -2.24 -6.70
CA PRO A 439 -1.22 -2.41 -7.41
C PRO A 439 -1.30 -3.22 -8.67
N VAL A 440 -0.21 -3.14 -9.46
CA VAL A 440 -0.08 -3.87 -10.72
C VAL A 440 1.01 -4.92 -10.57
N MET A 441 0.63 -6.14 -10.97
CA MET A 441 1.60 -7.19 -11.27
C MET A 441 1.90 -7.10 -12.77
N VAL A 442 3.13 -6.66 -13.10
CA VAL A 442 3.51 -6.44 -14.49
C VAL A 442 3.98 -7.77 -15.04
N ASP A 443 3.29 -8.24 -16.08
CA ASP A 443 3.42 -9.57 -16.61
C ASP A 443 4.08 -9.51 -18.01
N SER A 444 5.34 -10.00 -18.14
CA SER A 444 6.06 -9.91 -19.39
C SER A 444 7.30 -10.77 -19.34
N THR A 445 7.70 -11.37 -20.48
CA THR A 445 8.97 -12.06 -20.57
C THR A 445 10.12 -11.10 -20.91
N SER A 446 9.83 -9.82 -21.18
CA SER A 446 10.82 -8.82 -21.63
C SER A 446 11.21 -7.93 -20.47
N PRO A 447 12.47 -7.97 -19.97
CA PRO A 447 12.97 -6.98 -19.00
C PRO A 447 12.88 -5.51 -19.46
N GLU A 448 13.02 -5.26 -20.77
CA GLU A 448 12.81 -3.95 -21.35
C GLU A 448 11.36 -3.48 -21.12
N ALA A 449 10.35 -4.35 -21.28
CA ALA A 449 8.97 -4.01 -20.98
C ALA A 449 8.79 -3.71 -19.49
N MET A 450 9.41 -4.53 -18.64
CA MET A 450 9.35 -4.34 -17.21
C MET A 450 9.91 -2.98 -16.82
N GLU A 451 11.09 -2.65 -17.40
CA GLU A 451 11.78 -1.40 -17.07
C GLU A 451 10.94 -0.21 -17.52
N LEU A 452 10.31 -0.29 -18.71
CA LEU A 452 9.41 0.72 -19.20
C LEU A 452 8.20 0.87 -18.25
N ALA A 453 7.67 -0.25 -17.75
CA ALA A 453 6.48 -0.18 -16.91
C ALA A 453 6.82 0.55 -15.62
N LEU A 454 8.07 0.36 -15.13
CA LEU A 454 8.48 0.87 -13.84
C LEU A 454 8.74 2.36 -13.92
N LYS A 455 8.65 2.93 -15.14
CA LYS A 455 8.79 4.36 -15.29
C LYS A 455 7.42 5.00 -15.17
N TYR A 456 6.35 4.20 -15.30
CA TYR A 456 5.01 4.77 -15.28
C TYR A 456 4.17 4.47 -14.03
N LEU A 457 4.43 3.33 -13.32
CA LEU A 457 3.48 2.84 -12.33
C LEU A 457 3.88 3.31 -10.93
N PRO A 458 3.13 4.21 -10.26
CA PRO A 458 3.50 4.65 -8.92
C PRO A 458 3.27 3.60 -7.82
N GLY A 459 4.14 3.66 -6.81
CA GLY A 459 4.00 2.86 -5.63
C GLY A 459 5.00 1.70 -5.61
N ARG A 460 4.55 0.54 -5.14
CA ARG A 460 5.36 -0.66 -5.12
C ARG A 460 4.68 -1.67 -6.05
N VAL A 461 5.27 -1.95 -7.18
CA VAL A 461 4.78 -2.83 -8.22
C VAL A 461 5.16 -4.29 -7.91
N LEU A 462 4.57 -5.24 -8.64
CA LEU A 462 5.01 -6.64 -8.67
C LEU A 462 5.51 -6.99 -10.08
N LEU A 463 6.56 -7.86 -10.18
CA LEU A 463 7.09 -8.29 -11.47
C LEU A 463 6.86 -9.79 -11.69
N ASN A 464 6.21 -10.16 -12.78
CA ASN A 464 5.79 -11.50 -13.06
C ASN A 464 6.79 -11.93 -14.14
N SER A 465 8.03 -12.25 -13.77
CA SER A 465 8.67 -13.50 -13.57
C SER A 465 10.14 -13.13 -13.76
N ALA A 466 10.86 -13.37 -12.69
CA ALA A 466 12.20 -13.90 -12.77
C ALA A 466 12.16 -15.41 -12.97
N ASN A 467 12.87 -15.89 -14.00
CA ASN A 467 13.12 -17.31 -14.17
C ASN A 467 14.41 -17.52 -14.96
N LEU A 468 14.81 -18.80 -15.13
CA LEU A 468 16.08 -19.18 -15.75
C LEU A 468 15.86 -19.86 -17.10
N GLU A 469 14.70 -19.57 -17.71
CA GLU A 469 14.38 -20.13 -19.01
C GLU A 469 15.40 -19.67 -20.03
N ASP A 470 15.78 -18.36 -20.06
CA ASP A 470 16.58 -17.77 -21.13
C ASP A 470 17.95 -17.32 -20.65
N GLY A 471 18.59 -18.11 -19.75
CA GLY A 471 19.89 -17.78 -19.19
C GLY A 471 19.84 -17.08 -17.84
N LEU A 472 20.96 -17.14 -17.14
CA LEU A 472 21.21 -16.35 -15.93
C LEU A 472 21.16 -14.82 -16.10
N GLU A 473 21.53 -14.28 -17.29
CA GLU A 473 21.63 -12.83 -17.45
C GLU A 473 20.26 -12.16 -17.37
N ARG A 474 19.28 -12.69 -18.10
CA ARG A 474 17.92 -12.18 -18.01
C ARG A 474 17.38 -12.28 -16.58
N PHE A 475 17.69 -13.38 -15.89
CA PHE A 475 17.25 -13.54 -14.52
C PHE A 475 17.77 -12.40 -13.66
N ASP A 476 19.07 -12.16 -13.78
CA ASP A 476 19.83 -11.13 -13.06
C ASP A 476 19.37 -9.72 -13.42
N ARG A 477 18.91 -9.52 -14.69
CA ARG A 477 18.40 -8.24 -15.15
C ARG A 477 17.05 -7.98 -14.45
N VAL A 478 16.18 -8.97 -14.45
CA VAL A 478 14.91 -8.82 -13.77
C VAL A 478 15.16 -8.61 -12.27
N ALA A 479 15.99 -9.50 -11.67
CA ALA A 479 16.30 -9.42 -10.24
C ALA A 479 16.85 -8.03 -9.85
N SER A 480 17.74 -7.48 -10.70
CA SER A 480 18.35 -6.19 -10.50
C SER A 480 17.33 -5.06 -10.55
N LEU A 481 16.42 -5.18 -11.54
CA LEU A 481 15.36 -4.18 -11.71
C LEU A 481 14.48 -4.13 -10.47
N ALA A 482 14.03 -5.33 -10.02
CA ALA A 482 13.22 -5.44 -8.80
C ALA A 482 13.92 -4.85 -7.57
N LYS A 483 15.23 -5.09 -7.41
CA LYS A 483 15.96 -4.60 -6.26
C LYS A 483 16.04 -3.05 -6.25
N ALA A 484 16.33 -2.48 -7.43
CA ALA A 484 16.48 -1.02 -7.54
C ALA A 484 15.16 -0.27 -7.35
N HIS A 485 14.07 -0.69 -8.01
CA HIS A 485 12.75 -0.05 -7.91
C HIS A 485 11.92 -0.56 -6.73
N GLY A 486 12.46 -1.45 -5.91
CA GLY A 486 11.76 -1.88 -4.73
C GLY A 486 10.51 -2.71 -5.03
N ALA A 487 10.55 -3.58 -6.06
CA ALA A 487 9.35 -4.32 -6.48
C ALA A 487 9.33 -5.66 -5.77
N ALA A 488 8.13 -6.17 -5.50
CA ALA A 488 7.97 -7.58 -5.20
C ALA A 488 8.14 -8.38 -6.50
N LEU A 489 8.55 -9.66 -6.37
CA LEU A 489 9.01 -10.45 -7.52
C LEU A 489 8.42 -11.87 -7.54
N VAL A 490 7.78 -12.22 -8.67
CA VAL A 490 7.33 -13.58 -8.89
C VAL A 490 8.54 -14.34 -9.44
N VAL A 491 8.78 -15.51 -8.85
CA VAL A 491 9.88 -16.42 -9.20
C VAL A 491 9.27 -17.73 -9.70
N LEU A 492 9.50 -18.01 -10.97
CA LEU A 492 8.80 -19.05 -11.70
C LEU A 492 9.78 -20.20 -11.90
N ALA A 493 9.32 -21.42 -11.55
CA ALA A 493 10.21 -22.57 -11.50
C ALA A 493 10.45 -23.17 -12.88
N ILE A 494 11.25 -22.45 -13.69
CA ILE A 494 11.62 -22.86 -15.03
C ILE A 494 13.11 -22.54 -15.16
N ASP A 495 13.91 -23.49 -15.66
CA ASP A 495 15.34 -23.30 -15.82
C ASP A 495 15.79 -23.78 -17.20
N GLU A 496 17.11 -24.05 -17.36
CA GLU A 496 17.69 -24.46 -18.64
C GLU A 496 17.23 -25.85 -19.01
N LYS A 497 16.96 -26.70 -18.01
CA LYS A 497 16.34 -28.00 -18.22
C LYS A 497 14.85 -27.89 -18.53
N GLY A 498 14.23 -26.73 -18.44
CA GLY A 498 12.82 -26.66 -18.77
C GLY A 498 11.94 -26.33 -17.56
N MET A 499 10.63 -26.59 -17.71
CA MET A 499 9.67 -26.43 -16.64
C MET A 499 9.83 -27.49 -15.55
N ALA A 500 9.85 -27.10 -14.27
CA ALA A 500 9.88 -28.13 -13.23
C ALA A 500 8.50 -28.80 -13.05
N LYS A 501 8.42 -30.11 -13.36
CA LYS A 501 7.16 -30.89 -13.33
C LYS A 501 6.97 -31.76 -12.08
N THR A 502 8.08 -32.29 -11.54
CA THR A 502 8.10 -33.12 -10.33
C THR A 502 8.40 -32.22 -9.12
N ARG A 503 8.09 -32.73 -7.91
CA ARG A 503 8.37 -32.00 -6.69
C ARG A 503 9.87 -31.70 -6.55
N GLU A 504 10.73 -32.65 -6.97
CA GLU A 504 12.16 -32.58 -6.81
C GLU A 504 12.73 -31.45 -7.66
N GLU A 505 12.32 -31.38 -8.95
CA GLU A 505 12.71 -30.33 -9.86
C GLU A 505 12.27 -28.95 -9.32
N LYS A 506 11.08 -28.87 -8.67
CA LYS A 506 10.48 -27.61 -8.27
C LYS A 506 11.29 -27.05 -7.11
N VAL A 507 11.59 -27.91 -6.13
CA VAL A 507 12.40 -27.57 -4.95
C VAL A 507 13.80 -27.16 -5.39
N ARG A 508 14.39 -27.90 -6.34
CA ARG A 508 15.78 -27.63 -6.68
C ARG A 508 15.86 -26.27 -7.36
N VAL A 509 14.97 -26.00 -8.33
CA VAL A 509 14.97 -24.73 -9.06
C VAL A 509 14.64 -23.57 -8.11
N ALA A 510 13.64 -23.78 -7.25
CA ALA A 510 13.26 -22.78 -6.23
C ALA A 510 14.43 -22.42 -5.31
N LEU A 511 15.17 -23.44 -4.80
CA LEU A 511 16.30 -23.19 -3.90
C LEU A 511 17.43 -22.43 -4.60
N ARG A 512 17.75 -22.78 -5.85
CA ARG A 512 18.81 -22.13 -6.59
C ARG A 512 18.42 -20.67 -6.82
N MET A 513 17.13 -20.43 -7.15
CA MET A 513 16.64 -19.08 -7.44
C MET A 513 16.62 -18.23 -6.17
N TYR A 514 16.15 -18.82 -5.07
CA TYR A 514 16.08 -18.20 -3.77
C TYR A 514 17.46 -17.65 -3.35
N GLU A 515 18.46 -18.51 -3.41
CA GLU A 515 19.80 -18.18 -2.96
C GLU A 515 20.40 -17.04 -3.82
N ARG A 516 20.16 -17.09 -5.12
CA ARG A 516 20.62 -16.02 -6.01
C ARG A 516 19.92 -14.69 -5.72
N LEU A 517 18.59 -14.73 -5.46
CA LEU A 517 17.84 -13.51 -5.22
C LEU A 517 18.17 -12.90 -3.85
N THR A 518 18.39 -13.75 -2.82
CA THR A 518 18.65 -13.31 -1.45
C THR A 518 20.12 -13.01 -1.23
N GLU A 519 21.01 -13.98 -1.44
CA GLU A 519 22.43 -13.80 -1.14
C GLU A 519 23.12 -12.87 -2.16
N HIS A 520 22.85 -13.05 -3.45
CA HIS A 520 23.58 -12.28 -4.45
C HIS A 520 22.97 -10.89 -4.67
N HIS A 521 21.65 -10.79 -4.79
CA HIS A 521 20.99 -9.56 -5.16
C HIS A 521 20.50 -8.74 -3.95
N GLY A 522 20.28 -9.39 -2.80
CA GLY A 522 19.86 -8.71 -1.59
C GLY A 522 18.35 -8.53 -1.45
N LEU A 523 17.53 -9.31 -2.18
CA LEU A 523 16.09 -9.23 -2.02
C LEU A 523 15.75 -9.94 -0.72
N ARG A 524 14.72 -9.47 -0.02
CA ARG A 524 14.23 -10.13 1.19
C ARG A 524 13.37 -11.29 0.75
N PRO A 525 13.35 -12.42 1.49
CA PRO A 525 12.38 -13.50 1.27
C PRO A 525 10.93 -13.03 1.04
N GLU A 526 10.54 -11.97 1.79
CA GLU A 526 9.18 -11.42 1.87
C GLU A 526 8.82 -10.76 0.54
N ASP A 527 9.85 -10.42 -0.26
CA ASP A 527 9.60 -9.82 -1.57
C ASP A 527 9.21 -10.87 -2.60
N LEU A 528 9.41 -12.18 -2.29
CA LEU A 528 9.38 -13.22 -3.33
C LEU A 528 8.06 -13.97 -3.26
N LEU A 529 7.48 -14.23 -4.42
CA LEU A 529 6.31 -15.08 -4.57
C LEU A 529 6.70 -16.23 -5.50
N PHE A 530 6.94 -17.41 -4.93
CA PHE A 530 7.36 -18.56 -5.70
C PHE A 530 6.15 -19.15 -6.39
N ASP A 531 6.22 -19.23 -7.73
CA ASP A 531 5.27 -19.91 -8.62
C ASP A 531 5.87 -21.25 -9.08
N LEU A 532 5.42 -22.32 -8.40
CA LEU A 532 5.73 -23.67 -8.83
C LEU A 532 4.59 -23.88 -9.82
N LEU A 533 4.73 -24.64 -10.87
CA LEU A 533 3.79 -24.38 -11.98
C LEU A 533 2.39 -24.98 -11.73
N THR A 534 1.40 -24.52 -12.50
CA THR A 534 0.10 -25.16 -12.53
C THR A 534 -0.09 -25.81 -13.91
N PHE A 535 -0.10 -27.15 -14.03
CA PHE A 535 -0.29 -27.80 -15.34
C PHE A 535 -1.68 -28.40 -15.45
N PRO A 536 -2.28 -28.55 -16.65
CA PRO A 536 -3.57 -29.20 -16.77
C PRO A 536 -3.55 -30.68 -16.40
N ILE A 537 -4.45 -31.13 -15.55
CA ILE A 537 -4.55 -32.57 -15.27
C ILE A 537 -5.77 -33.18 -15.95
N THR A 538 -6.12 -32.72 -17.15
CA THR A 538 -7.43 -33.05 -17.71
C THR A 538 -7.27 -33.75 -19.04
N GLN A 539 -6.24 -33.37 -19.76
CA GLN A 539 -5.88 -33.99 -21.02
C GLN A 539 -5.94 -35.50 -20.89
N GLY A 540 -5.48 -36.01 -19.73
CA GLY A 540 -5.66 -37.40 -19.34
C GLY A 540 -4.47 -38.30 -19.61
N ASP A 541 -3.32 -37.72 -20.01
CA ASP A 541 -2.10 -38.46 -20.25
C ASP A 541 -1.47 -38.84 -18.91
N GLU A 542 -0.82 -40.01 -18.82
CA GLU A 542 -0.21 -40.48 -17.57
C GLU A 542 0.92 -39.55 -17.08
N GLU A 543 1.54 -38.80 -18.00
CA GLU A 543 2.49 -37.74 -17.70
C GLU A 543 1.74 -36.73 -16.82
N SER A 544 0.54 -36.28 -17.23
CA SER A 544 -0.06 -35.09 -16.68
C SER A 544 -0.88 -35.37 -15.41
N ARG A 545 -1.08 -36.66 -15.08
CA ARG A 545 -1.93 -37.07 -13.98
C ARG A 545 -1.45 -36.67 -12.58
N PRO A 546 -0.15 -36.73 -12.21
CA PRO A 546 0.30 -36.30 -10.89
C PRO A 546 0.77 -34.83 -10.75
N LEU A 547 0.73 -34.06 -11.84
CA LEU A 547 1.35 -32.74 -11.92
C LEU A 547 0.79 -31.71 -10.93
N ALA A 548 -0.47 -31.86 -10.50
CA ALA A 548 -1.06 -31.00 -9.49
C ALA A 548 -0.52 -31.34 -8.11
N LYS A 549 -0.51 -32.65 -7.83
CA LYS A 549 0.01 -33.17 -6.57
C LYS A 549 1.48 -32.76 -6.36
N GLU A 550 2.26 -32.75 -7.45
CA GLU A 550 3.68 -32.43 -7.39
C GLU A 550 3.87 -31.01 -6.91
N THR A 551 3.06 -30.06 -7.44
CA THR A 551 3.08 -28.65 -7.04
C THR A 551 2.72 -28.50 -5.55
N LEU A 552 1.64 -29.19 -5.14
CA LEU A 552 1.19 -29.18 -3.74
C LEU A 552 2.23 -29.70 -2.76
N LEU A 553 2.97 -30.75 -3.12
CA LEU A 553 3.92 -31.36 -2.18
C LEU A 553 5.21 -30.54 -2.10
N ALA A 554 5.73 -30.11 -3.27
CA ALA A 554 6.78 -29.10 -3.38
C ALA A 554 6.52 -27.83 -2.56
N MET A 555 5.27 -27.32 -2.61
CA MET A 555 4.90 -26.08 -1.93
C MET A 555 4.98 -26.23 -0.40
N GLU A 556 4.52 -27.38 0.13
CA GLU A 556 4.64 -27.72 1.55
C GLU A 556 6.10 -27.83 2.03
N GLU A 557 6.91 -28.54 1.26
CA GLU A 557 8.33 -28.63 1.53
C GLU A 557 8.97 -27.22 1.53
N LEU A 558 8.70 -26.41 0.52
CA LEU A 558 9.40 -25.14 0.41
C LEU A 558 8.87 -24.16 1.45
N ARG A 559 7.63 -24.38 1.94
CA ARG A 559 7.09 -23.57 3.03
C ARG A 559 7.89 -23.71 4.33
N GLU A 560 8.33 -24.96 4.66
CA GLU A 560 9.16 -25.20 5.84
C GLU A 560 10.60 -24.76 5.58
N ARG A 561 11.09 -24.95 4.35
CA ARG A 561 12.47 -24.61 4.06
C ARG A 561 12.70 -23.14 3.79
N LEU A 562 11.66 -22.38 3.48
CA LEU A 562 11.81 -20.96 3.17
C LEU A 562 10.75 -20.15 3.94
N PRO A 563 10.90 -19.97 5.28
CA PRO A 563 10.07 -19.01 6.00
C PRO A 563 10.23 -17.60 5.45
N GLY A 564 9.13 -16.88 5.37
CA GLY A 564 9.19 -15.53 4.82
C GLY A 564 8.69 -15.45 3.39
N VAL A 565 8.89 -16.50 2.56
CA VAL A 565 8.55 -16.36 1.16
C VAL A 565 7.05 -16.55 0.98
N GLY A 566 6.52 -16.02 -0.09
CA GLY A 566 5.18 -16.28 -0.52
C GLY A 566 5.18 -17.29 -1.67
N PHE A 567 3.93 -17.77 -1.99
CA PHE A 567 3.68 -18.71 -3.07
C PHE A 567 2.45 -18.17 -3.78
N VAL A 568 2.51 -18.22 -5.11
CA VAL A 568 1.43 -17.79 -5.99
C VAL A 568 1.23 -18.87 -7.05
N LEU A 569 -0.02 -19.06 -7.47
CA LEU A 569 -0.35 -19.98 -8.55
C LEU A 569 -1.41 -19.34 -9.42
N GLY A 570 -1.26 -19.56 -10.76
CA GLY A 570 -2.35 -19.39 -11.71
C GLY A 570 -3.23 -20.61 -11.79
N VAL A 571 -4.30 -20.60 -10.99
CA VAL A 571 -4.94 -21.86 -10.61
C VAL A 571 -5.86 -22.44 -11.69
N SER A 572 -6.52 -21.59 -12.50
CA SER A 572 -7.43 -21.95 -13.60
C SER A 572 -6.79 -23.00 -14.51
N ASN A 573 -5.46 -23.01 -14.62
CA ASN A 573 -4.75 -23.90 -15.54
C ASN A 573 -4.94 -25.37 -15.28
N VAL A 574 -5.17 -25.68 -14.00
CA VAL A 574 -5.29 -27.05 -13.55
C VAL A 574 -6.40 -27.76 -14.31
N SER A 575 -7.40 -26.99 -14.75
CA SER A 575 -8.67 -27.58 -15.18
C SER A 575 -8.87 -27.34 -16.68
N PHE A 576 -7.85 -26.78 -17.38
CA PHE A 576 -7.90 -26.54 -18.82
C PHE A 576 -8.16 -27.85 -19.55
N GLY A 577 -9.20 -27.85 -20.39
CA GLY A 577 -9.61 -29.10 -21.02
C GLY A 577 -11.00 -29.55 -20.59
N LEU A 578 -11.54 -28.97 -19.50
CA LEU A 578 -12.82 -29.43 -18.96
C LEU A 578 -13.95 -28.47 -19.33
N LYS A 579 -15.19 -28.93 -19.11
CA LYS A 579 -16.37 -28.10 -19.28
C LYS A 579 -16.44 -27.10 -18.12
N PRO A 580 -17.08 -25.91 -18.30
CA PRO A 580 -17.10 -24.85 -17.32
C PRO A 580 -17.45 -25.17 -15.86
N ARG A 581 -18.46 -26.01 -15.62
CA ARG A 581 -18.90 -26.30 -14.25
C ARG A 581 -17.81 -27.11 -13.54
N ALA A 582 -17.36 -28.19 -14.22
CA ALA A 582 -16.19 -28.97 -13.83
C ALA A 582 -14.95 -28.11 -13.57
N ARG A 583 -14.71 -27.06 -14.41
CA ARG A 583 -13.55 -26.20 -14.23
C ARG A 583 -13.68 -25.43 -12.92
N ARG A 584 -14.82 -24.75 -12.76
CA ARG A 584 -15.09 -23.96 -11.57
C ARG A 584 -14.87 -24.77 -10.30
N VAL A 585 -15.29 -26.06 -10.31
CA VAL A 585 -15.24 -26.95 -9.16
C VAL A 585 -13.81 -27.40 -8.93
N LEU A 586 -13.09 -27.84 -9.98
CA LEU A 586 -11.70 -28.27 -9.83
C LEU A 586 -10.80 -27.13 -9.40
N ASN A 587 -10.95 -25.94 -10.04
CA ASN A 587 -10.19 -24.72 -9.68
C ASN A 587 -10.35 -24.36 -8.19
N SER A 588 -11.61 -24.40 -7.71
CA SER A 588 -11.93 -24.01 -6.35
C SER A 588 -11.30 -24.95 -5.34
N VAL A 589 -11.31 -26.25 -5.66
CA VAL A 589 -10.86 -27.29 -4.74
C VAL A 589 -9.33 -27.28 -4.75
N PHE A 590 -8.77 -27.12 -5.94
CA PHE A 590 -7.32 -27.01 -6.05
C PHE A 590 -6.79 -25.83 -5.23
N LEU A 591 -7.54 -24.69 -5.30
CA LEU A 591 -7.14 -23.46 -4.64
C LEU A 591 -7.09 -23.67 -3.12
N ASP A 592 -8.13 -24.39 -2.61
CA ASP A 592 -8.24 -24.68 -1.19
C ASP A 592 -7.14 -25.67 -0.75
N GLU A 593 -6.89 -26.69 -1.55
CA GLU A 593 -5.77 -27.60 -1.32
C GLU A 593 -4.46 -26.81 -1.25
N ALA A 594 -4.19 -25.96 -2.26
CA ALA A 594 -3.00 -25.12 -2.25
C ALA A 594 -2.90 -24.23 -1.01
N ARG A 595 -4.00 -23.55 -0.61
CA ARG A 595 -4.05 -22.82 0.66
C ARG A 595 -3.56 -23.66 1.83
N LYS A 596 -4.00 -24.91 1.94
CA LYS A 596 -3.61 -25.75 3.06
C LYS A 596 -2.12 -26.10 2.99
N ARG A 597 -1.50 -26.07 1.80
CA ARG A 597 -0.07 -26.35 1.63
C ARG A 597 0.87 -25.13 1.79
N GLY A 598 0.35 -23.91 1.98
CA GLY A 598 1.20 -22.72 2.16
C GLY A 598 0.95 -21.54 1.18
N LEU A 599 -0.03 -21.65 0.27
CA LEU A 599 -0.29 -20.66 -0.76
C LEU A 599 -0.73 -19.36 -0.12
N THR A 600 -0.16 -18.24 -0.61
CA THR A 600 -0.40 -16.90 -0.05
C THR A 600 -1.13 -16.01 -1.06
N ALA A 601 -0.98 -16.34 -2.37
CA ALA A 601 -1.57 -15.53 -3.43
C ALA A 601 -2.09 -16.42 -4.53
N ALA A 602 -2.97 -15.89 -5.38
CA ALA A 602 -3.53 -16.68 -6.47
C ALA A 602 -3.89 -15.72 -7.59
N ILE A 603 -3.47 -16.09 -8.79
CA ILE A 603 -3.89 -15.41 -10.00
C ILE A 603 -5.13 -16.17 -10.46
N VAL A 604 -6.29 -15.52 -10.38
CA VAL A 604 -7.57 -16.16 -10.60
C VAL A 604 -8.67 -15.12 -10.81
N ASP A 605 -9.75 -15.50 -11.50
CA ASP A 605 -10.94 -14.65 -11.63
C ASP A 605 -12.06 -15.23 -10.78
N ALA A 606 -12.97 -14.39 -10.33
CA ALA A 606 -14.13 -14.83 -9.56
C ALA A 606 -15.01 -15.83 -10.36
N GLY A 607 -15.25 -15.56 -11.64
CA GLY A 607 -15.98 -16.40 -12.55
C GLY A 607 -15.42 -17.82 -12.71
N LYS A 608 -14.15 -18.03 -12.39
CA LYS A 608 -13.56 -19.34 -12.66
C LYS A 608 -13.53 -20.17 -11.38
N ILE A 609 -14.22 -19.65 -10.31
CA ILE A 609 -14.37 -20.38 -9.04
C ILE A 609 -15.82 -20.28 -8.52
N LEU A 610 -16.08 -21.01 -7.43
CA LEU A 610 -17.35 -20.97 -6.71
C LEU A 610 -17.07 -21.34 -5.24
N PRO A 611 -17.95 -20.97 -4.26
CA PRO A 611 -17.72 -21.40 -2.89
C PRO A 611 -17.71 -22.90 -2.72
N ILE A 612 -16.81 -23.41 -1.84
CA ILE A 612 -16.79 -24.83 -1.52
C ILE A 612 -18.13 -25.23 -0.88
N SER A 613 -18.76 -24.34 -0.10
CA SER A 613 -20.09 -24.50 0.45
C SER A 613 -21.13 -24.85 -0.64
N GLN A 614 -20.92 -24.46 -1.90
CA GLN A 614 -21.84 -24.75 -2.98
C GLN A 614 -21.43 -26.00 -3.80
N ILE A 615 -20.47 -26.76 -3.33
CA ILE A 615 -19.99 -27.90 -4.13
C ILE A 615 -20.54 -29.16 -3.49
N PRO A 616 -21.38 -29.99 -4.19
CA PRO A 616 -21.82 -31.25 -3.61
C PRO A 616 -20.67 -32.11 -3.09
N GLU A 617 -20.93 -32.86 -2.03
CA GLU A 617 -19.88 -33.62 -1.35
C GLU A 617 -19.25 -34.63 -2.29
N GLU A 618 -20.02 -35.09 -3.28
CA GLU A 618 -19.52 -36.08 -4.23
C GLU A 618 -18.54 -35.45 -5.26
N ALA A 619 -18.89 -34.27 -5.79
CA ALA A 619 -18.05 -33.52 -6.66
C ALA A 619 -16.75 -33.19 -5.91
N TYR A 620 -16.87 -32.84 -4.64
CA TYR A 620 -15.73 -32.44 -3.82
C TYR A 620 -14.70 -33.57 -3.73
N ALA A 621 -15.20 -34.77 -3.39
CA ALA A 621 -14.36 -35.95 -3.18
C ALA A 621 -13.76 -36.48 -4.51
N LEU A 622 -14.53 -36.41 -5.60
CA LEU A 622 -14.02 -36.66 -6.94
C LEU A 622 -12.93 -35.65 -7.34
N ALA A 623 -13.09 -34.35 -7.04
CA ALA A 623 -12.05 -33.35 -7.32
C ALA A 623 -10.79 -33.62 -6.52
N LEU A 624 -10.92 -34.03 -5.24
CA LEU A 624 -9.79 -34.53 -4.48
C LEU A 624 -9.11 -35.74 -5.16
N ASP A 625 -9.91 -36.70 -5.67
CA ASP A 625 -9.36 -37.93 -6.26
C ASP A 625 -8.57 -37.62 -7.54
N LEU A 626 -9.04 -36.62 -8.29
CA LEU A 626 -8.42 -36.20 -9.53
C LEU A 626 -7.10 -35.45 -9.26
N ILE A 627 -7.14 -34.50 -8.30
CA ILE A 627 -5.97 -33.70 -7.89
C ILE A 627 -4.85 -34.61 -7.39
N TYR A 628 -5.20 -35.57 -6.55
CA TYR A 628 -4.22 -36.48 -5.99
C TYR A 628 -4.04 -37.77 -6.80
N ASP A 629 -4.74 -37.95 -7.93
CA ASP A 629 -4.56 -39.06 -8.87
C ASP A 629 -4.78 -40.40 -8.19
N ARG A 630 -5.96 -40.56 -7.56
CA ARG A 630 -6.33 -41.75 -6.81
C ARG A 630 -6.89 -42.77 -7.80
N ARG A 631 -6.04 -43.32 -8.66
CA ARG A 631 -6.46 -44.12 -9.80
C ARG A 631 -6.43 -45.57 -9.35
N LYS A 632 -7.41 -46.36 -9.78
CA LYS A 632 -7.42 -47.79 -9.49
C LYS A 632 -7.81 -48.54 -10.74
N GLU A 633 -7.66 -49.88 -10.71
CA GLU A 633 -8.34 -50.77 -11.65
C GLU A 633 -9.86 -50.57 -11.47
N GLY A 634 -10.33 -50.39 -10.23
CA GLY A 634 -11.72 -49.97 -9.97
C GLY A 634 -12.19 -48.73 -10.78
N PHE A 635 -11.38 -47.64 -10.88
CA PHE A 635 -11.91 -46.28 -11.06
C PHE A 635 -10.85 -45.27 -11.53
N ASP A 636 -11.18 -44.52 -12.59
CA ASP A 636 -10.33 -43.52 -13.22
C ASP A 636 -10.85 -42.11 -12.89
N PRO A 637 -10.20 -41.32 -11.98
CA PRO A 637 -10.85 -40.14 -11.37
C PRO A 637 -11.26 -39.05 -12.35
N LEU A 638 -10.52 -38.95 -13.45
CA LEU A 638 -10.79 -37.94 -14.45
C LEU A 638 -12.15 -38.22 -15.10
N LEU A 639 -12.38 -39.50 -15.42
CA LEU A 639 -13.59 -39.96 -16.11
C LEU A 639 -14.75 -39.88 -15.12
N ALA A 640 -14.52 -40.33 -13.90
CA ALA A 640 -15.56 -40.26 -12.87
C ALA A 640 -16.00 -38.80 -12.62
N PHE A 641 -14.99 -37.88 -12.53
CA PHE A 641 -15.22 -36.45 -12.30
C PHE A 641 -15.96 -35.84 -13.52
N MET A 642 -15.53 -36.12 -14.75
CA MET A 642 -16.26 -35.66 -15.91
C MET A 642 -17.69 -36.22 -15.90
N ALA A 643 -17.83 -37.51 -15.59
CA ALA A 643 -19.13 -38.17 -15.63
C ALA A 643 -20.07 -37.55 -14.60
N TYR A 644 -19.56 -37.11 -13.43
CA TYR A 644 -20.39 -36.44 -12.42
C TYR A 644 -21.22 -35.30 -13.04
N PHE A 645 -20.59 -34.41 -13.84
CA PHE A 645 -21.25 -33.22 -14.35
C PHE A 645 -22.19 -33.57 -15.51
N GLU A 646 -21.86 -34.65 -16.25
CA GLU A 646 -22.75 -35.23 -17.25
C GLU A 646 -24.08 -35.71 -16.63
N ALA A 647 -24.01 -36.33 -15.45
CA ALA A 647 -25.13 -36.93 -14.73
C ALA A 647 -25.86 -35.95 -13.81
N HIS A 648 -25.42 -34.69 -13.69
CA HIS A 648 -26.14 -33.69 -12.91
C HIS A 648 -26.29 -32.37 -13.70
N LYS A 649 -26.50 -32.46 -15.04
CA LYS A 649 -26.61 -31.34 -15.98
C LYS A 649 -27.72 -30.37 -15.60
N GLU A 650 -28.78 -30.89 -14.98
CA GLU A 650 -29.97 -30.13 -14.65
C GLU A 650 -29.75 -29.35 -13.35
N ALA A 651 -28.60 -29.54 -12.66
CA ALA A 651 -28.30 -29.00 -11.33
C ALA A 651 -28.58 -27.50 -11.19
N ALA A 652 -28.25 -26.69 -12.19
CA ALA A 652 -28.53 -25.27 -12.23
C ALA A 652 -30.02 -24.94 -12.12
N ALA A 653 -30.88 -25.81 -12.68
CA ALA A 653 -32.31 -25.56 -12.74
C ALA A 653 -33.02 -26.04 -11.47
N LYS A 654 -32.52 -27.14 -10.85
CA LYS A 654 -33.02 -27.56 -9.56
C LYS A 654 -32.70 -26.51 -8.50
N ARG A 655 -31.53 -25.88 -8.64
CA ARG A 655 -31.13 -24.78 -7.76
C ARG A 655 -32.09 -23.62 -7.91
N GLU A 656 -32.30 -23.17 -9.18
CA GLU A 656 -33.17 -22.00 -9.46
C GLU A 656 -34.63 -22.21 -9.01
N ASP A 657 -35.25 -23.36 -9.35
CA ASP A 657 -36.64 -23.66 -9.01
C ASP A 657 -36.80 -23.88 -7.51
N ALA A 658 -35.84 -24.60 -6.88
CA ALA A 658 -35.83 -24.79 -5.43
C ALA A 658 -35.73 -23.45 -4.72
N PHE A 659 -34.94 -22.52 -5.30
CA PHE A 659 -34.75 -21.18 -4.75
C PHE A 659 -36.08 -20.44 -4.84
N LEU A 660 -36.61 -20.31 -6.06
CA LEU A 660 -37.91 -19.64 -6.28
C LEU A 660 -39.07 -20.28 -5.50
N ALA A 661 -38.99 -21.59 -5.16
CA ALA A 661 -40.02 -22.26 -4.38
C ALA A 661 -40.01 -21.95 -2.88
N LEU A 662 -38.94 -21.36 -2.34
CA LEU A 662 -38.81 -21.20 -0.89
C LEU A 662 -39.88 -20.22 -0.38
N PRO A 663 -40.29 -20.33 0.91
CA PRO A 663 -41.00 -19.23 1.54
C PRO A 663 -40.23 -17.90 1.47
N LEU A 664 -41.03 -16.82 1.35
CA LEU A 664 -40.60 -15.46 1.13
C LEU A 664 -39.39 -15.15 2.01
N LEU A 665 -39.53 -15.35 3.34
CA LEU A 665 -38.49 -14.96 4.30
C LEU A 665 -37.19 -15.74 4.10
N GLU A 666 -37.30 -17.06 3.97
CA GLU A 666 -36.13 -17.90 3.71
C GLU A 666 -35.52 -17.55 2.35
N ARG A 667 -36.34 -17.07 1.40
CA ARG A 667 -35.81 -16.70 0.09
C ARG A 667 -34.93 -15.44 0.24
N LEU A 668 -35.31 -14.51 1.14
CA LEU A 668 -34.53 -13.29 1.41
C LEU A 668 -33.19 -13.66 2.00
N LYS A 669 -33.20 -14.53 3.02
CA LYS A 669 -31.97 -15.08 3.58
C LYS A 669 -31.11 -15.66 2.48
N ARG A 670 -31.70 -16.51 1.62
CA ARG A 670 -30.90 -17.18 0.60
C ARG A 670 -30.24 -16.20 -0.38
N ARG A 671 -30.93 -15.12 -0.76
CA ARG A 671 -30.39 -14.14 -1.69
C ARG A 671 -29.04 -13.63 -1.14
N VAL A 672 -28.95 -13.36 0.18
CA VAL A 672 -27.72 -12.93 0.83
C VAL A 672 -26.68 -14.03 0.68
N VAL A 673 -27.00 -15.25 1.09
CA VAL A 673 -25.99 -16.30 1.12
C VAL A 673 -25.43 -16.62 -0.29
N GLU A 674 -26.26 -16.49 -1.34
CA GLU A 674 -25.95 -16.99 -2.68
C GLU A 674 -25.78 -15.79 -3.59
N GLY A 675 -25.82 -14.57 -3.04
CA GLY A 675 -25.49 -13.38 -3.79
C GLY A 675 -26.50 -13.06 -4.90
N ARG A 676 -27.78 -13.49 -4.75
CA ARG A 676 -28.80 -13.30 -5.76
C ARG A 676 -29.47 -11.90 -5.70
N LYS A 677 -28.86 -10.95 -6.43
CA LYS A 677 -29.34 -9.59 -6.63
C LYS A 677 -30.61 -9.58 -7.46
N GLN A 678 -30.77 -10.50 -8.41
CA GLN A 678 -31.76 -10.28 -9.45
C GLN A 678 -33.14 -10.66 -8.91
N GLY A 679 -34.12 -9.74 -8.92
CA GLY A 679 -35.42 -10.00 -8.33
C GLY A 679 -35.47 -9.66 -6.83
N LEU A 680 -34.42 -9.09 -6.26
CA LEU A 680 -34.36 -8.78 -4.83
C LEU A 680 -35.47 -7.79 -4.46
N GLU A 681 -35.61 -6.70 -5.19
CA GLU A 681 -36.48 -5.59 -4.78
C GLU A 681 -37.95 -6.04 -4.84
N ALA A 682 -38.33 -6.84 -5.82
CA ALA A 682 -39.66 -7.43 -5.95
C ALA A 682 -40.02 -8.27 -4.69
N ASP A 683 -39.10 -9.17 -4.23
CA ASP A 683 -39.31 -9.95 -3.03
C ASP A 683 -39.48 -9.03 -1.80
N LEU A 684 -38.69 -7.96 -1.72
CA LEU A 684 -38.72 -7.06 -0.57
C LEU A 684 -40.04 -6.29 -0.59
N GLU A 685 -40.47 -5.89 -1.80
CA GLU A 685 -41.76 -5.24 -2.01
C GLU A 685 -42.85 -6.21 -1.55
N GLU A 686 -42.77 -7.48 -1.97
CA GLU A 686 -43.78 -8.47 -1.59
C GLU A 686 -43.89 -8.52 -0.06
N ALA A 687 -42.74 -8.44 0.64
CA ALA A 687 -42.69 -8.58 2.08
C ALA A 687 -43.27 -7.37 2.80
N LEU A 688 -43.00 -6.15 2.29
CA LEU A 688 -43.61 -4.90 2.78
C LEU A 688 -45.12 -4.88 2.56
N LYS A 689 -45.63 -5.40 1.44
CA LYS A 689 -47.07 -5.48 1.19
C LYS A 689 -47.76 -6.48 2.12
N ALA A 690 -47.10 -7.58 2.46
CA ALA A 690 -47.69 -8.51 3.42
C ALA A 690 -47.68 -7.94 4.85
N GLY A 691 -46.98 -6.81 5.11
CA GLY A 691 -47.05 -6.14 6.42
C GLY A 691 -45.74 -6.23 7.22
N HIS A 692 -44.74 -6.98 6.72
CA HIS A 692 -43.44 -7.00 7.36
C HIS A 692 -42.84 -5.60 7.36
N LYS A 693 -42.20 -5.24 8.48
CA LYS A 693 -41.51 -3.99 8.65
C LYS A 693 -40.04 -4.09 8.19
N PRO A 694 -39.44 -2.96 7.72
CA PRO A 694 -38.07 -2.99 7.23
C PRO A 694 -37.05 -3.58 8.20
N LEU A 695 -37.08 -3.12 9.45
CA LEU A 695 -36.12 -3.55 10.45
C LEU A 695 -36.25 -5.04 10.79
N ASP A 696 -37.46 -5.61 10.63
CA ASP A 696 -37.68 -7.03 10.84
C ASP A 696 -36.92 -7.84 9.80
N LEU A 697 -37.05 -7.45 8.55
CA LEU A 697 -36.38 -8.09 7.44
C LEU A 697 -34.85 -7.98 7.59
N ILE A 698 -34.34 -6.82 8.04
CA ILE A 698 -32.90 -6.57 8.16
C ILE A 698 -32.33 -7.45 9.28
N ASN A 699 -32.96 -7.38 10.47
CA ASN A 699 -32.47 -8.09 11.64
C ASN A 699 -32.73 -9.59 11.53
N GLY A 700 -33.72 -9.97 10.70
CA GLY A 700 -34.16 -11.35 10.58
C GLY A 700 -33.46 -12.06 9.43
N PRO A 701 -34.16 -12.29 8.30
CA PRO A 701 -33.59 -13.08 7.21
C PRO A 701 -32.27 -12.52 6.64
N LEU A 702 -32.18 -11.20 6.46
CA LEU A 702 -31.04 -10.57 5.78
C LEU A 702 -29.74 -10.73 6.58
N LEU A 703 -29.71 -10.25 7.84
CA LEU A 703 -28.54 -10.47 8.68
C LEU A 703 -28.34 -11.95 9.04
N ALA A 704 -29.39 -12.78 9.01
CA ALA A 704 -29.18 -14.18 9.24
C ALA A 704 -28.38 -14.73 8.07
N GLY A 705 -28.68 -14.23 6.87
CA GLY A 705 -27.89 -14.56 5.69
C GLY A 705 -26.42 -14.12 5.83
N MET A 706 -26.18 -12.94 6.38
CA MET A 706 -24.81 -12.46 6.56
C MET A 706 -24.05 -13.24 7.64
N LYS A 707 -24.76 -13.66 8.68
CA LYS A 707 -24.24 -14.53 9.73
C LYS A 707 -23.75 -15.83 9.12
N GLU A 708 -24.53 -16.38 8.18
CA GLU A 708 -24.14 -17.65 7.59
C GLU A 708 -22.93 -17.46 6.66
N VAL A 709 -22.88 -16.34 5.94
CA VAL A 709 -21.75 -16.09 5.05
C VAL A 709 -20.47 -15.99 5.87
N GLY A 710 -20.52 -15.25 6.98
CA GLY A 710 -19.45 -15.18 7.96
C GLY A 710 -18.98 -16.54 8.49
N ASP A 711 -19.89 -17.43 8.84
CA ASP A 711 -19.56 -18.77 9.28
C ASP A 711 -18.83 -19.52 8.16
N LEU A 712 -19.27 -19.34 6.91
CA LEU A 712 -18.71 -20.09 5.80
C LEU A 712 -17.32 -19.54 5.46
N PHE A 713 -17.19 -18.22 5.44
CA PHE A 713 -15.90 -17.60 5.21
C PHE A 713 -14.91 -18.00 6.29
N GLY A 714 -15.29 -17.87 7.57
CA GLY A 714 -14.45 -18.24 8.72
C GLY A 714 -14.10 -19.74 8.72
N ALA A 715 -14.90 -20.58 8.07
CA ALA A 715 -14.62 -22.00 8.00
C ALA A 715 -13.85 -22.38 6.72
N GLY A 716 -13.43 -21.41 5.88
CA GLY A 716 -12.74 -21.65 4.63
C GLY A 716 -13.62 -22.19 3.50
N LYS A 717 -14.95 -22.03 3.61
CA LYS A 717 -15.89 -22.64 2.65
C LYS A 717 -16.44 -21.61 1.67
N MET A 718 -16.02 -20.34 1.80
CA MET A 718 -16.48 -19.29 0.90
C MET A 718 -15.34 -18.28 0.76
N GLN A 719 -15.02 -17.88 -0.47
CA GLN A 719 -13.92 -16.96 -0.76
C GLN A 719 -14.43 -15.51 -0.81
N LEU A 720 -13.49 -14.52 -0.75
CA LEU A 720 -13.78 -13.09 -0.66
C LEU A 720 -14.80 -12.62 -1.72
N PRO A 721 -14.69 -13.01 -3.00
CA PRO A 721 -15.62 -12.52 -3.99
C PRO A 721 -17.08 -12.80 -3.66
N PHE A 722 -17.36 -13.98 -3.06
CA PHE A 722 -18.74 -14.36 -2.74
C PHE A 722 -19.20 -13.62 -1.49
N VAL A 723 -18.29 -13.36 -0.53
CA VAL A 723 -18.66 -12.45 0.56
C VAL A 723 -19.02 -11.05 0.03
N LEU A 724 -18.34 -10.55 -1.03
CA LEU A 724 -18.65 -9.26 -1.62
C LEU A 724 -19.98 -9.33 -2.34
N GLN A 725 -20.28 -10.48 -2.97
CA GLN A 725 -21.58 -10.67 -3.62
C GLN A 725 -22.72 -10.68 -2.59
N ALA A 726 -22.52 -11.34 -1.43
CA ALA A 726 -23.44 -11.24 -0.30
C ALA A 726 -23.56 -9.81 0.24
N ALA A 727 -22.41 -9.14 0.31
CA ALA A 727 -22.43 -7.77 0.79
C ALA A 727 -23.25 -6.89 -0.14
N GLU A 728 -23.10 -7.01 -1.46
CA GLU A 728 -23.84 -6.16 -2.37
C GLU A 728 -25.36 -6.38 -2.17
N VAL A 729 -25.87 -7.63 -2.17
CA VAL A 729 -27.28 -7.95 -1.87
C VAL A 729 -27.73 -7.23 -0.56
N MET A 730 -26.92 -7.32 0.49
CA MET A 730 -27.28 -6.76 1.78
C MET A 730 -27.48 -5.25 1.73
N LYS A 731 -26.62 -4.55 1.01
CA LYS A 731 -26.64 -3.08 0.92
C LYS A 731 -27.72 -2.60 -0.05
N ARG A 732 -27.95 -3.37 -1.14
CA ARG A 732 -29.08 -3.04 -2.00
C ARG A 732 -30.41 -3.12 -1.23
N ALA A 733 -30.50 -4.11 -0.28
CA ALA A 733 -31.73 -4.37 0.48
C ALA A 733 -31.95 -3.28 1.49
N VAL A 734 -30.88 -2.89 2.19
CA VAL A 734 -30.95 -1.81 3.14
C VAL A 734 -31.31 -0.49 2.42
N ALA A 735 -30.76 -0.21 1.20
CA ALA A 735 -31.07 1.02 0.45
C ALA A 735 -32.53 1.03 -0.04
N TYR A 736 -33.06 -0.12 -0.45
CA TYR A 736 -34.45 -0.25 -0.83
C TYR A 736 -35.36 -0.03 0.39
N LEU A 737 -34.98 -0.52 1.56
CA LEU A 737 -35.85 -0.51 2.74
C LEU A 737 -35.78 0.81 3.52
N GLU A 738 -34.65 1.54 3.44
CA GLU A 738 -34.41 2.74 4.22
C GLU A 738 -35.55 3.77 4.04
N PRO A 739 -36.03 4.13 2.81
CA PRO A 739 -37.06 5.15 2.67
C PRO A 739 -38.39 4.76 3.29
N HIS A 740 -38.67 3.45 3.38
CA HIS A 740 -39.91 2.96 3.97
C HIS A 740 -39.86 2.87 5.50
N MET A 741 -38.76 3.28 6.10
CA MET A 741 -38.60 3.03 7.51
C MET A 741 -39.36 4.07 8.32
N GLU A 742 -40.02 3.58 9.36
CA GLU A 742 -40.90 4.40 10.18
C GLU A 742 -40.01 5.17 11.17
N LYS A 743 -40.22 6.51 11.14
CA LYS A 743 -39.62 7.44 12.08
C LYS A 743 -40.34 7.35 13.44
N LYS A 744 -39.59 7.53 14.54
CA LYS A 744 -40.05 7.21 15.88
C LYS A 744 -39.62 8.29 16.90
N GLY A 745 -39.13 9.47 16.46
CA GLY A 745 -38.82 10.56 17.39
C GLY A 745 -38.33 11.84 16.70
N GLU A 746 -38.13 12.91 17.51
CA GLU A 746 -37.91 14.30 17.07
C GLU A 746 -36.67 14.86 17.79
N GLY A 747 -35.89 15.75 17.14
CA GLY A 747 -34.49 16.15 17.46
C GLY A 747 -33.96 15.81 18.87
N LYS A 748 -33.45 14.61 19.16
CA LYS A 748 -32.96 14.29 20.51
C LYS A 748 -31.44 14.52 20.77
N GLY A 749 -30.68 14.98 19.73
CA GLY A 749 -29.22 15.10 19.80
C GLY A 749 -28.48 14.59 18.53
N THR A 750 -27.15 14.62 18.57
CA THR A 750 -26.32 14.44 17.37
C THR A 750 -25.21 13.44 17.65
N LEU A 751 -24.96 12.59 16.64
CA LEU A 751 -23.88 11.62 16.63
C LEU A 751 -23.07 11.83 15.34
N VAL A 752 -21.77 12.07 15.53
CA VAL A 752 -20.77 11.91 14.47
C VAL A 752 -20.34 10.44 14.47
N LEU A 753 -20.48 9.75 13.32
CA LEU A 753 -20.26 8.31 13.17
C LEU A 753 -19.30 8.04 12.00
N ALA A 754 -18.40 7.06 12.21
CA ALA A 754 -17.35 6.72 11.25
C ALA A 754 -16.84 5.30 11.47
N THR A 755 -16.44 4.65 10.38
CA THR A 755 -15.59 3.48 10.47
C THR A 755 -14.17 4.06 10.44
N VAL A 756 -13.29 3.51 11.27
CA VAL A 756 -11.95 4.03 11.51
C VAL A 756 -11.02 3.69 10.35
N LYS A 757 -9.90 4.42 10.29
CA LYS A 757 -8.88 4.32 9.26
C LYS A 757 -8.45 2.87 9.06
N GLY A 758 -8.38 2.47 7.79
CA GLY A 758 -7.97 1.12 7.45
C GLY A 758 -9.12 0.18 7.24
N ASP A 759 -10.33 0.60 7.63
CA ASP A 759 -11.45 -0.31 7.67
C ASP A 759 -12.53 0.17 6.68
N VAL A 760 -13.03 -0.75 5.82
CA VAL A 760 -14.06 -0.48 4.81
C VAL A 760 -15.41 -1.13 5.22
N HIS A 761 -15.48 -1.89 6.30
CA HIS A 761 -16.76 -2.45 6.76
C HIS A 761 -17.65 -1.30 7.24
N ASP A 762 -18.92 -1.29 6.79
CA ASP A 762 -19.88 -0.26 7.11
C ASP A 762 -21.33 -0.76 7.18
N ILE A 763 -21.57 -2.10 7.19
CA ILE A 763 -22.96 -2.57 7.27
C ILE A 763 -23.48 -2.34 8.69
N GLY A 764 -22.66 -2.77 9.68
CA GLY A 764 -22.90 -2.45 11.08
C GLY A 764 -23.19 -0.96 11.23
N LYS A 765 -22.24 -0.13 10.81
CA LYS A 765 -22.30 1.28 11.07
C LYS A 765 -23.61 1.87 10.55
N ASN A 766 -24.06 1.46 9.37
CA ASN A 766 -25.07 2.15 8.60
C ASN A 766 -26.43 1.74 9.17
N LEU A 767 -26.49 0.55 9.78
CA LEU A 767 -27.63 0.12 10.57
C LEU A 767 -27.77 1.04 11.78
N VAL A 768 -26.64 1.30 12.46
CA VAL A 768 -26.57 2.27 13.55
C VAL A 768 -27.13 3.61 13.07
N ASP A 769 -26.65 4.09 11.92
CA ASP A 769 -27.09 5.37 11.36
C ASP A 769 -28.62 5.36 11.21
N ILE A 770 -29.14 4.27 10.61
CA ILE A 770 -30.56 4.17 10.30
C ILE A 770 -31.41 3.99 11.56
N ILE A 771 -30.99 3.20 12.55
CA ILE A 771 -31.81 2.99 13.73
C ILE A 771 -31.91 4.27 14.56
N LEU A 772 -30.78 4.93 14.78
CA LEU A 772 -30.70 6.17 15.54
C LEU A 772 -31.44 7.27 14.77
N SER A 773 -31.20 7.43 13.48
CA SER A 773 -31.85 8.49 12.74
C SER A 773 -33.36 8.43 12.91
N ASN A 774 -33.89 7.22 13.07
CA ASN A 774 -35.32 6.99 13.08
C ASN A 774 -35.90 7.00 14.49
N ASN A 775 -35.05 7.02 15.50
CA ASN A 775 -35.39 7.24 16.90
C ASN A 775 -35.00 8.66 17.28
N GLY A 776 -34.87 9.52 16.25
CA GLY A 776 -34.86 10.96 16.40
C GLY A 776 -33.50 11.57 16.74
N TYR A 777 -32.43 11.06 16.12
CA TYR A 777 -31.07 11.56 16.35
C TYR A 777 -30.49 11.96 15.01
N ARG A 778 -29.77 13.10 15.01
CA ARG A 778 -29.06 13.58 13.82
C ARG A 778 -27.78 12.74 13.74
N VAL A 779 -27.59 12.02 12.63
CA VAL A 779 -26.42 11.16 12.42
C VAL A 779 -25.59 11.74 11.27
N VAL A 780 -24.36 12.18 11.58
CA VAL A 780 -23.42 12.63 10.58
C VAL A 780 -22.51 11.42 10.35
N ASN A 781 -22.71 10.75 9.22
CA ASN A 781 -22.00 9.54 8.89
C ASN A 781 -20.85 9.89 7.96
N LEU A 782 -19.62 9.77 8.42
CA LEU A 782 -18.47 10.22 7.64
C LEU A 782 -17.94 9.12 6.70
N GLY A 783 -18.48 7.90 6.75
CA GLY A 783 -18.09 6.81 5.84
C GLY A 783 -17.01 5.91 6.43
N ILE A 784 -16.19 5.39 5.51
CA ILE A 784 -15.17 4.38 5.77
C ILE A 784 -13.77 4.96 5.79
N LYS A 785 -12.85 4.26 6.46
CA LYS A 785 -11.42 4.62 6.46
C LYS A 785 -11.23 6.04 6.91
N VAL A 786 -12.02 6.49 7.92
CA VAL A 786 -12.02 7.87 8.34
C VAL A 786 -10.87 8.13 9.33
N PRO A 787 -9.89 9.00 8.96
CA PRO A 787 -8.81 9.35 9.89
C PRO A 787 -9.33 10.15 11.06
N ILE A 788 -8.63 10.12 12.20
CA ILE A 788 -9.02 10.82 13.41
C ILE A 788 -9.12 12.35 13.22
N GLU A 789 -8.33 12.93 12.33
CA GLU A 789 -8.38 14.37 12.04
C GLU A 789 -9.74 14.79 11.47
N GLU A 790 -10.30 13.97 10.58
CA GLU A 790 -11.56 14.23 9.90
C GLU A 790 -12.74 13.96 10.83
N ILE A 791 -12.62 12.93 11.69
CA ILE A 791 -13.57 12.72 12.76
C ILE A 791 -13.69 14.01 13.62
N LEU A 792 -12.54 14.56 14.07
CA LEU A 792 -12.53 15.69 14.99
C LEU A 792 -12.86 17.02 14.30
N LYS A 793 -12.58 17.15 13.00
CA LYS A 793 -13.09 18.24 12.20
C LYS A 793 -14.62 18.21 12.28
N ALA A 794 -15.22 17.00 12.20
CA ALA A 794 -16.68 16.85 12.24
C ALA A 794 -17.22 17.13 13.63
N VAL A 795 -16.50 16.70 14.67
CA VAL A 795 -16.87 16.98 16.05
C VAL A 795 -16.98 18.49 16.27
N GLU A 796 -15.97 19.24 15.78
CA GLU A 796 -15.84 20.67 15.94
C GLU A 796 -16.97 21.34 15.16
N ALA A 797 -17.23 20.94 13.89
CA ALA A 797 -18.28 21.56 13.07
C ALA A 797 -19.70 21.34 13.64
N HIS A 798 -19.99 20.15 14.15
CA HIS A 798 -21.35 19.76 14.49
C HIS A 798 -21.50 19.72 16.02
N LYS A 799 -20.42 19.77 16.79
CA LYS A 799 -20.60 19.80 18.24
C LYS A 799 -21.61 18.73 18.69
N PRO A 800 -21.43 17.43 18.36
CA PRO A 800 -22.37 16.40 18.75
C PRO A 800 -22.26 15.98 20.21
N HIS A 801 -23.28 15.27 20.70
CA HIS A 801 -23.32 14.67 22.03
C HIS A 801 -22.35 13.50 22.21
N ALA A 802 -21.97 12.87 21.09
CA ALA A 802 -21.05 11.75 21.15
C ALA A 802 -20.39 11.55 19.78
N VAL A 803 -19.42 10.64 19.79
CA VAL A 803 -18.71 10.18 18.61
C VAL A 803 -18.79 8.67 18.63
N GLY A 804 -19.18 8.14 17.46
CA GLY A 804 -19.25 6.70 17.19
C GLY A 804 -18.15 6.28 16.21
N MET A 805 -17.45 5.21 16.57
CA MET A 805 -16.44 4.57 15.72
C MET A 805 -16.77 3.08 15.56
N SER A 806 -16.84 2.65 14.31
CA SER A 806 -17.00 1.25 13.95
C SER A 806 -15.63 0.64 13.55
N GLY A 807 -15.42 -0.61 13.94
CA GLY A 807 -14.20 -1.36 13.67
C GLY A 807 -14.51 -2.86 13.62
N LEU A 808 -14.14 -3.50 12.50
CA LEU A 808 -14.36 -4.95 12.32
C LEU A 808 -13.05 -5.71 12.15
N LEU A 809 -11.96 -5.04 11.84
CA LEU A 809 -10.68 -5.72 11.78
C LEU A 809 -10.14 -5.70 13.20
N VAL A 810 -9.36 -6.74 13.57
CA VAL A 810 -8.57 -6.76 14.80
C VAL A 810 -7.71 -5.48 14.82
N LYS A 811 -7.05 -5.16 13.69
CA LYS A 811 -6.22 -3.96 13.52
C LYS A 811 -6.98 -2.71 13.97
N SER A 812 -8.29 -2.63 13.70
CA SER A 812 -9.12 -1.46 13.99
C SER A 812 -9.25 -1.16 15.49
N THR A 813 -9.16 -2.17 16.35
CA THR A 813 -9.23 -1.98 17.79
C THR A 813 -8.00 -1.24 18.27
N LEU A 814 -6.87 -1.43 17.54
CA LEU A 814 -5.63 -0.70 17.82
C LEU A 814 -5.76 0.73 17.31
N VAL A 815 -6.32 0.95 16.11
CA VAL A 815 -6.62 2.30 15.61
C VAL A 815 -7.53 3.02 16.61
N MET A 816 -8.52 2.33 17.23
CA MET A 816 -9.44 2.95 18.17
C MET A 816 -8.70 3.46 19.42
N LYS A 817 -7.84 2.60 20.02
CA LYS A 817 -6.97 2.96 21.12
C LYS A 817 -6.15 4.22 20.80
N GLU A 818 -5.54 4.26 19.61
CA GLU A 818 -4.69 5.37 19.24
C GLU A 818 -5.54 6.60 19.03
N ASN A 819 -6.77 6.40 18.52
CA ASN A 819 -7.71 7.49 18.30
C ASN A 819 -8.04 8.13 19.66
N LEU A 820 -8.24 7.31 20.69
CA LEU A 820 -8.56 7.77 22.04
C LEU A 820 -7.37 8.53 22.62
N GLU A 821 -6.15 8.04 22.32
CA GLU A 821 -4.94 8.72 22.79
C GLU A 821 -4.84 10.12 22.16
N TYR A 822 -5.04 10.16 20.85
CA TYR A 822 -5.04 11.40 20.10
C TYR A 822 -6.04 12.41 20.62
N MET A 823 -7.20 11.92 21.10
CA MET A 823 -8.31 12.72 21.64
C MET A 823 -7.99 13.22 23.06
N ARG A 824 -7.49 12.36 23.94
CA ARG A 824 -6.97 12.75 25.24
C ARG A 824 -5.97 13.89 25.04
N ASP A 825 -4.99 13.74 24.14
CA ASP A 825 -3.91 14.73 23.95
C ASP A 825 -4.39 16.12 23.57
N ARG A 826 -5.54 16.26 22.93
CA ARG A 826 -6.05 17.55 22.49
C ARG A 826 -7.30 17.98 23.27
N GLY A 827 -7.55 17.37 24.44
CA GLY A 827 -8.48 17.96 25.38
C GLY A 827 -9.92 17.45 25.29
N TYR A 828 -10.21 16.41 24.46
CA TYR A 828 -11.58 15.96 24.20
C TYR A 828 -12.05 15.11 25.38
N THR A 829 -13.29 15.35 25.88
CA THR A 829 -13.88 14.47 26.89
C THR A 829 -15.32 14.05 26.56
N LEU A 830 -15.77 14.34 25.34
CA LEU A 830 -17.07 13.91 24.86
C LEU A 830 -17.18 12.38 24.92
N PRO A 831 -18.39 11.80 25.20
CA PRO A 831 -18.59 10.37 25.15
C PRO A 831 -18.20 9.77 23.81
N VAL A 832 -17.46 8.65 23.85
CA VAL A 832 -17.09 7.91 22.65
C VAL A 832 -17.75 6.55 22.75
N ILE A 833 -18.53 6.20 21.70
CA ILE A 833 -19.17 4.90 21.61
C ILE A 833 -18.43 4.09 20.56
N LEU A 834 -17.92 2.92 20.98
CA LEU A 834 -17.14 2.06 20.10
C LEU A 834 -17.92 0.77 19.85
N GLY A 835 -17.91 0.28 18.62
CA GLY A 835 -18.65 -0.92 18.32
C GLY A 835 -18.09 -1.58 17.08
N GLY A 836 -18.56 -2.80 16.80
CA GLY A 836 -18.03 -3.62 15.74
C GLY A 836 -17.55 -4.93 16.30
N ALA A 837 -17.59 -5.97 15.46
CA ALA A 837 -17.53 -7.38 15.84
C ALA A 837 -16.17 -7.76 16.41
N ALA A 838 -15.13 -6.93 16.10
CA ALA A 838 -13.73 -7.14 16.51
C ALA A 838 -13.50 -6.79 17.96
N LEU A 839 -14.39 -5.97 18.49
CA LEU A 839 -14.23 -5.24 19.74
C LEU A 839 -15.10 -5.82 20.86
N THR A 840 -14.51 -6.08 22.03
CA THR A 840 -15.21 -6.62 23.19
C THR A 840 -15.43 -5.51 24.24
N ARG A 841 -16.43 -5.71 25.11
CA ARG A 841 -16.71 -4.88 26.26
C ARG A 841 -15.55 -4.88 27.24
N SER A 842 -14.97 -6.03 27.51
CA SER A 842 -13.80 -6.13 28.36
C SER A 842 -12.69 -5.21 27.85
N TYR A 843 -12.62 -5.01 26.52
CA TYR A 843 -11.52 -4.27 25.93
C TYR A 843 -11.76 -2.77 26.08
N VAL A 844 -13.01 -2.33 25.88
CA VAL A 844 -13.41 -0.94 26.03
C VAL A 844 -13.35 -0.51 27.52
N GLU A 845 -13.63 -1.44 28.44
CA GLU A 845 -13.42 -1.20 29.87
C GLU A 845 -11.95 -0.79 30.07
N GLU A 846 -11.00 -1.51 29.45
CA GLU A 846 -9.59 -1.25 29.66
C GLU A 846 -9.14 0.09 29.05
N LEU A 847 -9.77 0.52 27.94
CA LEU A 847 -9.46 1.79 27.29
C LEU A 847 -9.84 2.97 28.17
N ARG A 848 -10.67 2.74 29.20
CA ARG A 848 -11.06 3.77 30.17
C ARG A 848 -9.82 4.35 30.84
N ALA A 849 -8.75 3.55 30.94
CA ALA A 849 -7.44 4.00 31.38
C ALA A 849 -6.93 5.20 30.57
N ILE A 850 -7.25 5.29 29.29
CA ILE A 850 -6.80 6.36 28.42
C ILE A 850 -7.86 7.45 28.44
N TYR A 851 -9.12 7.03 28.35
CA TYR A 851 -10.22 7.94 28.03
C TYR A 851 -11.44 7.55 28.86
N PRO A 852 -11.66 8.16 30.04
CA PRO A 852 -12.78 7.83 30.93
C PRO A 852 -14.09 7.57 30.21
N ASN A 853 -14.52 8.50 29.34
CA ASN A 853 -15.83 8.54 28.72
C ASN A 853 -15.94 7.68 27.46
N VAL A 854 -15.70 6.37 27.62
CA VAL A 854 -15.77 5.49 26.48
C VAL A 854 -16.71 4.33 26.82
N TYR A 855 -17.58 4.00 25.85
CA TYR A 855 -18.69 3.08 26.02
C TYR A 855 -18.64 2.07 24.87
N TYR A 856 -19.12 0.86 25.18
CA TYR A 856 -19.17 -0.22 24.21
C TYR A 856 -20.62 -0.39 23.74
N ALA A 857 -20.80 -0.68 22.45
CA ALA A 857 -22.12 -0.98 21.90
C ALA A 857 -22.06 -2.32 21.17
N GLU A 858 -22.63 -3.37 21.82
CA GLU A 858 -22.89 -4.66 21.22
C GLU A 858 -23.63 -4.47 19.91
N ASP A 859 -24.62 -3.61 19.84
CA ASP A 859 -25.40 -3.58 18.61
C ASP A 859 -25.97 -2.18 18.45
N ALA A 860 -26.78 -2.00 17.42
CA ALA A 860 -27.37 -0.68 17.19
C ALA A 860 -28.33 -0.28 18.33
N PHE A 861 -28.96 -1.25 19.02
CA PHE A 861 -29.99 -0.95 20.00
C PHE A 861 -29.32 -0.46 21.26
N GLU A 862 -28.20 -1.12 21.58
CA GLU A 862 -27.36 -0.69 22.68
C GLU A 862 -26.81 0.72 22.42
N GLY A 863 -26.50 1.03 21.16
CA GLY A 863 -26.13 2.37 20.71
C GLY A 863 -27.26 3.37 20.96
N LEU A 864 -28.48 2.94 20.61
CA LEU A 864 -29.66 3.75 20.84
C LEU A 864 -29.82 4.08 22.32
N ARG A 865 -29.73 3.04 23.19
CA ARG A 865 -29.91 3.22 24.61
C ARG A 865 -28.81 4.11 25.20
N LEU A 866 -27.58 4.07 24.69
CA LEU A 866 -26.49 4.94 25.15
C LEU A 866 -26.74 6.41 24.74
N MET A 867 -27.16 6.66 23.50
CA MET A 867 -27.65 7.98 23.16
C MET A 867 -28.82 8.46 24.04
N GLU A 868 -29.75 7.56 24.40
CA GLU A 868 -30.86 7.91 25.29
C GLU A 868 -30.28 8.40 26.65
N GLU A 869 -29.53 7.51 27.34
CA GLU A 869 -28.88 7.84 28.60
C GLU A 869 -28.09 9.15 28.54
N LEU A 870 -27.16 9.28 27.57
CA LEU A 870 -26.23 10.40 27.49
C LEU A 870 -26.91 11.72 27.07
N THR A 871 -28.19 11.75 26.70
CA THR A 871 -28.83 13.03 26.41
C THR A 871 -29.99 13.25 27.38
N GLY A 872 -30.11 12.40 28.42
CA GLY A 872 -31.23 12.50 29.36
C GLY A 872 -32.53 11.96 28.77
N HIS A 873 -32.42 10.99 27.85
CA HIS A 873 -33.54 10.40 27.12
C HIS A 873 -34.24 11.43 26.24
N ALA A 874 -33.68 12.64 26.15
CA ALA A 874 -34.24 13.76 25.38
C ALA A 874 -35.74 13.62 25.14
C1 GOL B . -5.56 -36.33 -14.00
O1 GOL B . -5.71 -36.87 -15.32
C2 GOL B . -5.18 -37.35 -12.92
O2 GOL B . -4.82 -36.66 -11.72
C3 GOL B . -6.24 -38.40 -12.61
O3 GOL B . -5.71 -39.68 -12.27
N HCS C . 14.59 23.33 2.08
CA HCS C . 13.55 24.30 1.59
CB HCS C . 12.18 23.58 1.54
CG HCS C . 11.20 23.96 0.42
SD HCS C . 9.44 23.73 0.78
C HCS C . 13.58 25.65 2.39
OXT HCS C . 13.29 26.74 1.78
O HCS C . 13.66 25.67 3.70
ZN ZN D . 8.52 24.00 2.95
C1 GOL E . -11.98 -11.27 -9.36
O1 GOL E . -11.83 -12.33 -10.28
C2 GOL E . -11.14 -11.57 -8.15
O2 GOL E . -11.83 -12.55 -7.35
C3 GOL E . -9.76 -12.00 -8.60
O3 GOL E . -9.02 -12.76 -7.63
C1 GOL F . 5.00 -12.69 1.29
O1 GOL F . 3.88 -12.87 0.40
C2 GOL F . 4.69 -13.12 2.71
O2 GOL F . 5.86 -13.18 3.53
C3 GOL F . 3.87 -14.38 2.83
O3 GOL F . 4.37 -15.22 3.87
C1 GOL G . 14.96 3.73 -15.53
O1 GOL G . 14.98 2.33 -15.21
C2 GOL G . 16.15 4.50 -15.01
O2 GOL G . 16.79 3.77 -13.91
C3 GOL G . 17.15 4.89 -16.12
O3 GOL G . 16.75 6.01 -16.92
C1 GOL H . 8.16 7.48 -19.08
O1 GOL H . 7.67 8.81 -19.00
C2 GOL H . 8.91 7.16 -20.36
O2 GOL H . 8.17 7.59 -21.49
C3 GOL H . 10.28 7.76 -20.44
O3 GOL H . 10.35 8.93 -19.66
C1 GOL I . 3.57 8.42 -15.04
O1 GOL I . 2.66 7.34 -15.10
C2 GOL I . 4.04 8.85 -16.41
O2 GOL I . 3.12 9.83 -16.84
C3 GOL I . 5.52 9.26 -16.48
O3 GOL I . 6.50 8.17 -16.41
C1 GOL J . 13.39 -14.08 -19.24
O1 GOL J . 13.38 -13.16 -20.33
C2 GOL J . 13.16 -13.33 -17.95
O2 GOL J . 11.97 -12.55 -17.98
C3 GOL J . 13.06 -14.20 -16.74
O3 GOL J . 13.61 -13.53 -15.62
CO B12 K . -14.58 -8.79 6.17
N21 B12 K . -13.89 -9.41 7.79
N22 B12 K . -12.81 -8.21 5.65
N23 B12 K . -15.56 -7.99 4.83
N24 B12 K . -16.30 -9.54 6.94
C1 B12 K . -14.85 -9.92 8.81
C20 B12 K . -15.22 -8.70 9.63
C2 B12 K . -13.97 -10.98 9.55
C25 B12 K . -14.33 -11.20 11.02
C26 B12 K . -13.98 -12.39 8.88
C27 B12 K . -13.07 -13.44 9.55
O28 B12 K . -13.60 -14.33 10.18
N29 B12 K . -11.74 -13.43 9.48
C3 B12 K . -12.51 -10.40 9.33
C30 B12 K . -11.85 -9.46 10.36
C31 B12 K . -11.06 -10.11 11.53
C32 B12 K . -9.59 -9.73 11.44
O34 B12 K . -9.22 -8.63 10.99
N33 B12 K . -8.69 -10.60 11.85
C4 B12 K . -12.66 -9.76 7.99
C5 B12 K . -11.56 -9.52 7.19
C35 B12 K . -10.21 -10.08 7.63
C6 B12 K . -11.64 -8.77 6.03
C7 B12 K . -10.57 -8.52 4.97
C36 B12 K . -9.15 -8.23 5.50
C37 B12 K . -10.58 -9.64 3.92
C38 B12 K . -9.34 -9.55 3.05
O39 B12 K . -8.24 -10.04 3.36
N40 B12 K . -9.61 -8.96 1.90
C8 B12 K . -11.16 -7.29 4.23
C41 B12 K . -10.62 -5.98 4.81
C42 B12 K . -11.01 -4.73 4.02
C43 B12 K . -10.70 -3.54 4.92
O44 B12 K . -9.75 -2.77 4.70
N45 B12 K . -11.53 -3.41 5.94
C9 B12 K . -12.63 -7.59 4.49
C10 B12 K . -13.65 -7.23 3.59
C11 B12 K . -14.99 -7.39 3.74
C12 B12 K . -16.00 -7.06 2.64
C46 B12 K . -16.00 -8.14 1.54
C47 B12 K . -15.79 -5.64 2.07
C13 B12 K . -17.32 -7.10 3.43
C48 B12 K . -17.85 -5.78 4.03
C49 B12 K . -18.66 -4.94 3.03
C50 B12 K . -19.18 -3.69 3.69
O51 B12 K . -19.45 -2.69 3.02
N52 B12 K . -19.44 -3.75 4.99
C14 B12 K . -16.95 -7.97 4.62
C15 B12 K . -17.87 -8.62 5.44
C53 B12 K . -19.35 -8.39 5.16
C16 B12 K . -17.51 -9.37 6.52
C17 B12 K . -18.45 -10.18 7.40
C54 B12 K . -18.77 -11.49 6.64
C55 B12 K . -19.78 -9.53 7.87
C56 B12 K . -19.68 -8.19 8.61
C57 B12 K . -21.06 -7.58 8.68
O58 B12 K . -21.55 -6.89 7.76
N59 B12 K . -21.76 -7.92 9.77
C18 B12 K . -17.51 -10.41 8.62
C60 B12 K . -17.93 -11.61 9.50
C61 B12 K . -17.79 -11.41 11.01
O63 B12 K . -17.49 -12.35 11.72
N62 B12 K . -17.91 -10.18 11.54
C19 B12 K . -16.08 -10.47 8.06
C1P B12 K . -23.13 -7.44 9.92
C2P B12 K . -23.22 -6.27 10.85
C3P B12 K . -24.68 -6.00 11.07
O3 B12 K . -22.59 -6.57 12.14
O4 B12 K . -20.73 -4.93 11.66
O5 B12 K . -20.84 -6.34 13.90
P B12 K . -21.48 -5.67 12.75
O2 B12 K . -22.28 -4.52 13.53
C3R B12 K . -23.11 -4.74 14.66
C2R B12 K . -22.37 -4.52 15.99
O7R B12 K . -21.01 -4.93 15.86
C1R B12 K . -22.64 -3.06 16.26
O6R B12 K . -23.92 -2.79 15.69
C4R B12 K . -24.10 -3.57 14.52
C5R B12 K . -25.56 -3.93 14.36
O8R B12 K . -26.17 -4.24 15.58
N1B B12 K . -21.76 -2.03 15.70
C8B B12 K . -21.78 -0.72 16.19
C2B B12 K . -20.87 -2.05 14.70
N3B B12 K . -20.27 -0.90 14.51
C9B B12 K . -20.82 -0.02 15.45
C4B B12 K . -20.58 1.33 15.72
C5B B12 K . -21.30 1.97 16.70
C5M B12 K . -21.06 3.42 17.01
C6B B12 K . -22.30 1.28 17.42
C6M B12 K . -23.10 2.03 18.46
C7B B12 K . -22.50 -0.07 17.20
ZN ZN L . 25.71 -9.51 -9.58
C1 TME M . -13.89 -11.99 2.97
C2 TME M . -14.47 -10.81 3.76
C3 TME M . -14.25 -11.14 5.20
K K N . 14.82 22.77 7.19
#